data_4KUC
#
_entry.id   4KUC
#
_cell.length_a   108.516
_cell.length_b   151.803
_cell.length_c   208.418
_cell.angle_alpha   90.00
_cell.angle_beta   90.00
_cell.angle_gamma   90.00
#
_symmetry.space_group_name_H-M   'I 2 2 2'
#
loop_
_entity.id
_entity.type
_entity.pdbx_description
1 polymer Ricin
2 polymer 'mAb6c2 fab-Heavy chain'
3 polymer 'mAb6c2 fab-Light chain'
#
loop_
_entity_poly.entity_id
_entity_poly.type
_entity_poly.pdbx_seq_one_letter_code
_entity_poly.pdbx_strand_id
1 'polypeptide(L)'
;IFPKQYPIINFTTAGATVQSYTNFIRAVRGRLTTGADVRHEIPVLPNRVGLPINQRFILVELSNHAELSVTLALDVTNAY
VVGYRAGNSAYFFHPDNQEDAEAITHLFTDVQNRYTFAFGGNYDRLEQLAGNLRENIELGNGPLEEAISALYYYSTGGTQ
LPTLARSFIICIQMISEAARFQYIEGEMRTRIRYNRRSAPDPSVITLENSWGRLSTAIQESNQGAFASPIQLQRRNGSKF
SVYDVSILIPIIALMVYRCAPPPSSQF
;
A,I
2 'polypeptide(L)'
;METDTLLLWVLLLWVPGSTGDIVLTQSPASLAVSLGQRATISYRASKSVSYMHWNQQKPGQPPRLLIYLGSNLESGVGAR
FSGSGSGTDFTLNIHPVEEEDAATYYCQHKREYPPTFGQGTKVEIKRTVAAPSVFIFPPSDEQLKSGTASVVCLLNNFYP
REAKVQWKVGNLQGNSQESVTEQDSKDSTYSLSSTLTLSKADYEKHKVYACEVTHQGLSSPVTKSFNRGEC
;
D,E
3 'polypeptide(L)'
;MGWSSIILFLVATASGVHSQVQLQQPGSELVRPGASVKLSCKASGYTFTSYWINWVKQRPGQGLEWIGNIYPGSGRTNYD
EKFKNKATLTVDTSSSTVYIQVSSLTSEDAAVFYCVRWVYGNFDSALDYWGQGTSVTVSSASTKGPSVFPLAPSSKSTSG
GTAALGCLVKDYFPEPVTVSWGSGASGVHTFPAVLQSSGLYSLSSVVTVPSSSLGQTYICNVNHKPSNTKVDKKVEP
;
H,F
#
# COMPACT_ATOMS: atom_id res chain seq x y z
N GLN A 5 -32.31 7.09 20.00
CA GLN A 5 -32.50 7.83 18.75
C GLN A 5 -32.68 9.33 19.07
N TYR A 6 -32.29 10.19 18.13
CA TYR A 6 -32.43 11.64 18.30
C TYR A 6 -33.90 12.06 18.45
N PRO A 7 -34.15 13.17 19.17
CA PRO A 7 -35.53 13.62 19.39
C PRO A 7 -36.12 14.28 18.15
N ILE A 8 -37.42 14.13 17.94
CA ILE A 8 -38.08 14.68 16.76
C ILE A 8 -39.11 15.71 17.21
N ILE A 9 -39.26 16.80 16.47
CA ILE A 9 -40.26 17.82 16.77
C ILE A 9 -41.07 18.07 15.49
N ASN A 10 -42.38 17.90 15.58
CA ASN A 10 -43.24 17.95 14.39
C ASN A 10 -43.90 19.31 14.19
N PHE A 11 -44.09 19.69 12.91
CA PHE A 11 -44.81 20.91 12.54
C PHE A 11 -45.43 20.77 11.17
N THR A 12 -46.72 21.02 11.06
CA THR A 12 -47.37 21.08 9.76
C THR A 12 -47.58 22.52 9.41
N THR A 13 -47.57 22.81 8.11
CA THR A 13 -48.00 24.12 7.62
C THR A 13 -49.50 24.12 7.48
N ALA A 14 -50.06 22.91 7.44
CA ALA A 14 -51.50 22.69 7.27
C ALA A 14 -52.31 23.11 8.49
N GLY A 15 -52.89 24.31 8.42
CA GLY A 15 -53.78 24.78 9.47
C GLY A 15 -53.01 25.47 10.56
N ALA A 16 -51.74 25.75 10.28
CA ALA A 16 -50.85 26.38 11.22
C ALA A 16 -51.47 27.65 11.80
N THR A 17 -51.29 27.85 13.09
CA THR A 17 -51.74 29.06 13.72
C THR A 17 -50.56 29.69 14.43
N VAL A 18 -50.75 30.85 15.03
CA VAL A 18 -49.71 31.45 15.83
C VAL A 18 -49.29 30.52 16.96
N GLN A 19 -50.26 29.85 17.57
CA GLN A 19 -49.97 28.94 18.68
C GLN A 19 -49.29 27.66 18.22
N SER A 20 -49.78 27.08 17.13
CA SER A 20 -49.16 25.87 16.59
C SER A 20 -47.69 26.13 16.31
N TYR A 21 -47.38 27.33 15.83
CA TYR A 21 -46.02 27.66 15.44
C TYR A 21 -45.16 27.97 16.67
N THR A 22 -45.66 28.85 17.54
CA THR A 22 -44.96 29.23 18.75
C THR A 22 -44.55 28.01 19.56
N ASN A 23 -45.47 27.04 19.65
CA ASN A 23 -45.19 25.81 20.36
C ASN A 23 -44.01 25.11 19.76
N PHE A 24 -43.99 25.04 18.43
CA PHE A 24 -42.93 24.37 17.71
C PHE A 24 -41.57 25.00 18.04
N ILE A 25 -41.47 26.32 17.91
CA ILE A 25 -40.20 27.01 18.15
C ILE A 25 -39.76 26.87 19.60
N ARG A 26 -40.71 27.01 20.54
CA ARG A 26 -40.38 26.80 21.96
C ARG A 26 -40.01 25.34 22.21
N ALA A 27 -40.64 24.40 21.51
CA ALA A 27 -40.24 23.02 21.67
C ALA A 27 -38.82 22.83 21.12
N VAL A 28 -38.50 23.53 20.05
CA VAL A 28 -37.19 23.36 19.44
C VAL A 28 -36.10 23.92 20.36
N ARG A 29 -36.34 25.09 20.93
CA ARG A 29 -35.39 25.66 21.88
C ARG A 29 -35.15 24.71 23.07
N GLY A 30 -36.21 24.06 23.54
CA GLY A 30 -36.11 23.15 24.65
C GLY A 30 -35.18 21.96 24.43
N ARG A 31 -35.14 21.46 23.21
CA ARG A 31 -34.34 20.27 22.94
C ARG A 31 -32.97 20.64 22.38
N LEU A 32 -32.76 21.93 22.16
CA LEU A 32 -31.48 22.39 21.66
C LEU A 32 -30.52 22.57 22.83
N THR A 33 -31.03 23.09 23.93
CA THR A 33 -30.21 23.37 25.09
C THR A 33 -30.96 22.99 26.36
N THR A 34 -30.25 22.72 27.46
CA THR A 34 -30.94 22.36 28.72
C THR A 34 -31.38 23.62 29.43
N GLY A 35 -30.72 24.74 29.10
CA GLY A 35 -31.02 26.01 29.73
C GLY A 35 -30.37 26.14 31.10
N ALA A 36 -29.31 25.37 31.33
CA ALA A 36 -28.59 25.43 32.58
C ALA A 36 -27.50 26.47 32.45
N ASP A 37 -27.10 26.71 31.20
CA ASP A 37 -26.07 27.69 30.89
C ASP A 37 -26.75 28.96 30.38
N VAL A 38 -26.83 29.97 31.23
CA VAL A 38 -27.46 31.23 30.88
C VAL A 38 -26.54 32.40 31.22
N ARG A 39 -26.14 33.19 30.22
CA ARG A 39 -25.35 34.38 30.52
C ARG A 39 -26.20 35.63 30.33
N HIS A 40 -26.23 36.48 31.35
CA HIS A 40 -26.97 37.73 31.29
C HIS A 40 -28.43 37.53 30.87
N GLU A 41 -29.05 36.46 31.38
CA GLU A 41 -30.44 36.05 31.08
C GLU A 41 -30.62 35.42 29.67
N ILE A 42 -29.55 35.30 28.90
CA ILE A 42 -29.65 34.66 27.60
C ILE A 42 -29.03 33.26 27.62
N PRO A 43 -29.83 32.24 27.32
CA PRO A 43 -29.36 30.85 27.31
C PRO A 43 -28.17 30.60 26.40
N VAL A 44 -27.45 29.50 26.60
CA VAL A 44 -26.31 29.17 25.76
C VAL A 44 -26.50 27.78 25.17
N LEU A 45 -26.09 27.59 23.93
CA LEU A 45 -26.19 26.26 23.34
C LEU A 45 -25.06 25.43 23.93
N PRO A 46 -25.19 24.08 23.90
CA PRO A 46 -24.14 23.21 24.48
C PRO A 46 -22.80 23.46 23.85
N ASN A 47 -21.74 23.34 24.63
CA ASN A 47 -20.39 23.47 24.12
C ASN A 47 -20.13 22.30 23.21
N ARG A 48 -19.58 22.57 22.03
CA ARG A 48 -19.30 21.51 21.08
C ARG A 48 -18.30 20.55 21.67
N VAL A 49 -17.38 21.10 22.46
CA VAL A 49 -16.32 20.29 23.07
C VAL A 49 -16.78 19.43 24.26
N GLY A 50 -16.64 18.12 24.07
CA GLY A 50 -16.95 17.16 25.11
C GLY A 50 -18.37 16.64 24.99
N LEU A 51 -19.08 17.08 23.95
CA LEU A 51 -20.49 16.70 23.76
C LEU A 51 -20.62 15.31 23.15
N PRO A 52 -21.35 14.42 23.83
CA PRO A 52 -21.59 13.07 23.30
C PRO A 52 -22.28 13.12 21.92
N ILE A 53 -21.86 12.28 20.97
CA ILE A 53 -22.46 12.29 19.64
C ILE A 53 -23.96 12.04 19.73
N ASN A 54 -24.41 11.30 20.74
CA ASN A 54 -25.82 10.97 20.79
C ASN A 54 -26.69 12.13 21.27
N GLN A 55 -26.05 13.27 21.56
CA GLN A 55 -26.73 14.51 21.90
C GLN A 55 -26.37 15.66 20.92
N ARG A 56 -25.86 15.33 19.75
CA ARG A 56 -25.35 16.33 18.82
C ARG A 56 -26.42 16.94 17.93
N PHE A 57 -27.42 16.14 17.56
CA PHE A 57 -28.42 16.63 16.62
C PHE A 57 -29.83 16.50 17.18
N ILE A 58 -30.72 17.36 16.71
CA ILE A 58 -32.14 17.12 16.92
C ILE A 58 -32.75 17.01 15.54
N LEU A 59 -33.95 16.45 15.47
CA LEU A 59 -34.60 16.25 14.19
C LEU A 59 -35.89 17.04 14.18
N VAL A 60 -36.13 17.76 13.08
CA VAL A 60 -37.35 18.51 12.87
C VAL A 60 -38.13 17.99 11.67
N GLU A 61 -39.31 17.41 11.90
CA GLU A 61 -40.12 16.88 10.80
C GLU A 61 -41.21 17.87 10.39
N LEU A 62 -41.10 18.36 9.15
CA LEU A 62 -42.07 19.31 8.64
C LEU A 62 -43.04 18.57 7.72
N SER A 63 -44.33 18.77 7.93
CA SER A 63 -45.35 18.22 7.03
C SER A 63 -46.19 19.35 6.47
N ASN A 64 -46.88 19.11 5.36
CA ASN A 64 -47.74 20.14 4.76
C ASN A 64 -49.09 19.63 4.27
N HIS A 65 -49.88 20.56 3.76
CA HIS A 65 -51.25 20.28 3.34
C HIS A 65 -51.30 19.26 2.21
N ALA A 66 -50.22 19.21 1.44
CA ALA A 66 -50.08 18.26 0.35
C ALA A 66 -49.74 16.84 0.80
N GLU A 67 -49.80 16.61 2.12
CA GLU A 67 -49.47 15.31 2.73
C GLU A 67 -48.04 14.85 2.44
N LEU A 68 -47.09 15.79 2.36
CA LEU A 68 -45.67 15.46 2.20
C LEU A 68 -44.90 15.74 3.51
N SER A 69 -43.81 14.98 3.74
CA SER A 69 -43.08 15.11 4.98
C SER A 69 -41.57 14.98 4.80
N VAL A 70 -40.84 15.99 5.27
CA VAL A 70 -39.39 15.91 5.32
C VAL A 70 -38.87 16.09 6.75
N THR A 71 -37.69 15.54 7.01
CA THR A 71 -37.06 15.72 8.31
C THR A 71 -35.71 16.38 8.15
N LEU A 72 -35.59 17.56 8.74
CA LEU A 72 -34.35 18.32 8.77
C LEU A 72 -33.49 17.95 9.99
N ALA A 73 -32.17 18.12 9.86
CA ALA A 73 -31.23 17.85 10.96
C ALA A 73 -30.54 19.12 11.39
N LEU A 74 -30.65 19.43 12.68
CA LEU A 74 -30.07 20.62 13.27
C LEU A 74 -28.91 20.27 14.19
N ASP A 75 -27.85 21.07 14.10
CA ASP A 75 -26.71 20.92 14.99
C ASP A 75 -26.95 21.75 16.26
N VAL A 76 -27.05 21.06 17.41
CA VAL A 76 -27.31 21.68 18.72
C VAL A 76 -26.28 22.73 19.06
N THR A 77 -25.10 22.59 18.47
CA THR A 77 -23.98 23.47 18.77
C THR A 77 -24.19 24.79 18.08
N ASN A 78 -24.80 24.77 16.90
CA ASN A 78 -24.98 25.97 16.04
C ASN A 78 -26.45 26.37 15.94
N ALA A 79 -27.34 25.38 16.13
CA ALA A 79 -28.79 25.45 15.80
C ALA A 79 -29.03 25.54 14.27
N TYR A 80 -28.00 25.25 13.47
CA TYR A 80 -28.09 25.36 12.03
C TYR A 80 -28.39 23.99 11.38
N VAL A 81 -28.97 24.00 10.18
CA VAL A 81 -29.27 22.78 9.45
C VAL A 81 -28.01 22.16 8.81
N VAL A 82 -27.84 20.87 9.00
CA VAL A 82 -26.70 20.16 8.44
C VAL A 82 -27.08 19.26 7.28
N GLY A 83 -28.38 18.94 7.19
CA GLY A 83 -28.88 18.09 6.12
C GLY A 83 -30.36 17.79 6.31
N TYR A 84 -30.90 16.88 5.50
CA TYR A 84 -32.28 16.43 5.69
C TYR A 84 -32.47 15.04 5.09
N ARG A 85 -33.59 14.41 5.45
CA ARG A 85 -34.02 13.12 4.93
C ARG A 85 -35.37 13.30 4.27
N ALA A 86 -35.61 12.56 3.18
CA ALA A 86 -36.88 12.60 2.50
C ALA A 86 -37.12 11.24 1.85
N GLY A 87 -37.81 10.37 2.58
CA GLY A 87 -38.10 9.05 2.10
C GLY A 87 -36.93 8.12 2.31
N ASN A 88 -36.21 7.84 1.22
CA ASN A 88 -35.09 6.90 1.26
C ASN A 88 -33.78 7.61 1.03
N SER A 89 -33.80 8.92 1.12
CA SER A 89 -32.58 9.65 0.80
C SER A 89 -32.29 10.77 1.77
N ALA A 90 -31.01 10.89 2.13
CA ALA A 90 -30.59 11.98 2.99
C ALA A 90 -29.51 12.79 2.29
N TYR A 91 -29.65 14.10 2.36
CA TYR A 91 -28.73 15.02 1.72
C TYR A 91 -28.12 15.88 2.81
N PHE A 92 -26.84 16.22 2.66
CA PHE A 92 -26.13 16.94 3.70
C PHE A 92 -25.33 18.10 3.11
N PHE A 93 -25.34 19.25 3.80
CA PHE A 93 -24.44 20.35 3.45
C PHE A 93 -23.01 19.88 3.68
N HIS A 94 -22.12 20.32 2.80
CA HIS A 94 -20.71 20.01 2.85
C HIS A 94 -20.11 20.42 4.20
N PRO A 95 -19.47 19.48 4.90
CA PRO A 95 -18.91 19.79 6.22
C PRO A 95 -17.57 20.55 6.11
N ASP A 96 -17.36 21.53 6.98
CA ASP A 96 -16.17 22.38 6.85
C ASP A 96 -14.94 21.67 7.39
N ASN A 97 -15.16 20.64 8.19
CA ASN A 97 -14.08 19.88 8.79
C ASN A 97 -14.39 18.41 9.02
N GLN A 98 -13.38 17.68 9.45
CA GLN A 98 -13.44 16.24 9.54
C GLN A 98 -14.22 15.76 10.79
N GLU A 99 -14.34 16.61 11.81
CA GLU A 99 -15.19 16.26 12.95
C GLU A 99 -16.66 16.28 12.51
N ASP A 100 -17.03 17.32 11.76
CA ASP A 100 -18.39 17.47 11.28
C ASP A 100 -18.72 16.38 10.26
N ALA A 101 -17.75 16.09 9.40
CA ALA A 101 -17.87 15.06 8.38
C ALA A 101 -18.18 13.70 8.99
N GLU A 102 -17.62 13.41 10.17
CA GLU A 102 -17.89 12.14 10.85
C GLU A 102 -19.21 12.20 11.59
N ALA A 103 -19.54 13.36 12.12
CA ALA A 103 -20.76 13.48 12.90
C ALA A 103 -22.00 13.11 12.09
N ILE A 104 -22.09 13.56 10.84
CA ILE A 104 -23.31 13.33 10.05
C ILE A 104 -23.48 11.87 9.63
N THR A 105 -22.41 11.08 9.70
CA THR A 105 -22.56 9.63 9.46
C THR A 105 -23.36 8.95 10.58
N HIS A 106 -23.66 9.69 11.65
CA HIS A 106 -24.51 9.19 12.74
C HIS A 106 -25.98 9.55 12.50
N LEU A 107 -26.28 10.26 11.41
CA LEU A 107 -27.64 10.73 11.10
C LEU A 107 -28.35 9.89 10.07
N PHE A 108 -29.64 9.64 10.30
CA PHE A 108 -30.44 8.85 9.36
C PHE A 108 -29.72 7.58 8.95
N THR A 109 -29.15 6.89 9.94
CA THR A 109 -28.27 5.74 9.72
C THR A 109 -28.93 4.63 8.91
N ASP A 110 -30.26 4.64 8.88
CA ASP A 110 -31.01 3.58 8.25
C ASP A 110 -31.50 3.93 6.83
N VAL A 111 -31.11 5.08 6.26
CA VAL A 111 -31.53 5.40 4.88
C VAL A 111 -30.78 4.61 3.83
N GLN A 112 -31.44 4.38 2.69
CA GLN A 112 -30.77 3.71 1.59
C GLN A 112 -29.79 4.65 0.91
N ASN A 113 -30.21 5.88 0.70
CA ASN A 113 -29.38 6.80 -0.07
C ASN A 113 -28.90 8.03 0.71
N ARG A 114 -27.58 8.22 0.72
CA ARG A 114 -26.96 9.37 1.38
C ARG A 114 -26.13 10.13 0.37
N TYR A 115 -26.24 11.45 0.32
CA TYR A 115 -25.42 12.22 -0.60
C TYR A 115 -24.93 13.45 0.14
N THR A 116 -23.82 14.02 -0.34
CA THR A 116 -23.26 15.25 0.20
C THR A 116 -23.02 16.28 -0.93
N PHE A 117 -23.75 17.37 -0.84
CA PHE A 117 -23.59 18.48 -1.75
C PHE A 117 -22.16 19.01 -1.73
N ALA A 118 -21.73 19.61 -2.82
CA ALA A 118 -20.40 20.21 -2.85
C ALA A 118 -20.41 21.53 -2.06
N PHE A 119 -21.61 22.05 -1.84
CA PHE A 119 -21.76 23.39 -1.31
C PHE A 119 -22.14 23.40 0.17
N GLY A 120 -21.66 24.42 0.88
CA GLY A 120 -22.05 24.60 2.26
C GLY A 120 -23.50 25.03 2.34
N GLY A 121 -23.96 25.39 3.53
CA GLY A 121 -25.32 25.82 3.75
C GLY A 121 -25.34 27.25 4.26
N ASN A 122 -24.21 27.92 4.16
CA ASN A 122 -24.19 29.33 4.55
C ASN A 122 -24.98 30.16 3.53
N TYR A 123 -25.61 31.24 3.99
CA TYR A 123 -26.45 32.09 3.16
C TYR A 123 -25.76 32.56 1.88
N ASP A 124 -24.51 32.99 2.02
CA ASP A 124 -23.68 33.40 0.92
C ASP A 124 -23.72 32.45 -0.29
N ARG A 125 -23.46 31.16 -0.07
CA ARG A 125 -23.40 30.23 -1.20
C ARG A 125 -24.83 29.95 -1.68
N LEU A 126 -25.75 29.74 -0.75
CA LEU A 126 -27.12 29.40 -1.12
C LEU A 126 -27.81 30.51 -1.93
N GLU A 127 -27.61 31.76 -1.54
CA GLU A 127 -28.12 32.91 -2.29
C GLU A 127 -27.60 32.82 -3.72
N GLN A 128 -26.32 32.50 -3.85
CA GLN A 128 -25.74 32.34 -5.16
C GLN A 128 -26.43 31.23 -5.95
N LEU A 129 -26.55 30.06 -5.36
CA LEU A 129 -27.13 28.94 -6.06
C LEU A 129 -28.64 29.17 -6.29
N ALA A 130 -29.23 30.17 -5.65
CA ALA A 130 -30.66 30.37 -5.77
C ALA A 130 -30.99 31.48 -6.77
N GLY A 131 -30.03 32.37 -6.97
CA GLY A 131 -30.28 33.51 -7.83
C GLY A 131 -30.92 34.68 -7.09
N ASN A 132 -31.57 34.40 -5.99
CA ASN A 132 -32.13 35.46 -5.14
C ASN A 132 -31.24 35.74 -3.94
N LEU A 133 -31.48 36.86 -3.26
CA LEU A 133 -30.91 37.09 -1.94
C LEU A 133 -31.99 36.89 -0.88
N ARG A 134 -31.57 36.81 0.39
CA ARG A 134 -32.49 36.70 1.50
C ARG A 134 -33.59 37.80 1.48
N GLU A 135 -33.24 39.02 1.07
CA GLU A 135 -34.21 40.14 1.07
C GLU A 135 -35.15 40.10 -0.12
N ASN A 136 -34.98 39.11 -1.00
CA ASN A 136 -35.84 38.92 -2.15
C ASN A 136 -36.68 37.66 -2.03
N ILE A 137 -36.40 36.86 -1.00
CA ILE A 137 -37.08 35.58 -0.84
C ILE A 137 -38.10 35.65 0.30
N GLU A 138 -39.37 35.61 -0.05
CA GLU A 138 -40.41 35.74 0.94
C GLU A 138 -40.37 34.58 1.95
N LEU A 139 -40.83 34.87 3.16
CA LEU A 139 -40.92 33.90 4.25
C LEU A 139 -42.37 33.87 4.73
N GLY A 140 -42.88 32.72 5.16
CA GLY A 140 -44.26 32.67 5.64
C GLY A 140 -44.78 31.26 5.52
N ASN A 141 -45.99 31.01 6.05
CA ASN A 141 -46.49 29.64 6.03
C ASN A 141 -46.67 29.12 4.60
N GLY A 142 -46.89 30.03 3.66
CA GLY A 142 -46.91 29.72 2.25
C GLY A 142 -45.56 29.26 1.76
N PRO A 143 -44.58 30.18 1.72
CA PRO A 143 -43.21 29.80 1.31
C PRO A 143 -42.67 28.54 2.03
N LEU A 144 -43.03 28.34 3.30
CA LEU A 144 -42.61 27.15 4.05
C LEU A 144 -43.29 25.92 3.47
N GLU A 145 -44.60 26.04 3.23
CA GLU A 145 -45.37 24.98 2.57
C GLU A 145 -44.66 24.54 1.28
N GLU A 146 -44.21 25.52 0.50
CA GLU A 146 -43.54 25.23 -0.78
C GLU A 146 -42.14 24.64 -0.61
N ALA A 147 -41.43 25.07 0.43
CA ALA A 147 -40.09 24.54 0.72
C ALA A 147 -40.12 23.04 1.08
N ILE A 148 -41.14 22.65 1.83
CA ILE A 148 -41.31 21.25 2.23
C ILE A 148 -41.50 20.36 1.01
N SER A 149 -42.24 20.87 0.03
CA SER A 149 -42.54 20.08 -1.16
C SER A 149 -41.35 19.99 -2.09
N ALA A 150 -40.63 21.11 -2.24
CA ALA A 150 -39.49 21.13 -3.12
C ALA A 150 -38.43 20.16 -2.61
N LEU A 151 -38.17 20.20 -1.29
CA LEU A 151 -37.18 19.32 -0.67
C LEU A 151 -37.60 17.87 -0.84
N TYR A 152 -38.88 17.61 -0.67
CA TYR A 152 -39.37 16.26 -0.84
C TYR A 152 -39.11 15.72 -2.25
N TYR A 153 -39.37 16.57 -3.26
CA TYR A 153 -39.31 16.12 -4.66
C TYR A 153 -37.93 16.18 -5.27
N TYR A 154 -36.97 16.75 -4.56
CA TYR A 154 -35.60 16.77 -5.05
C TYR A 154 -35.07 15.35 -5.19
N SER A 155 -35.47 14.46 -4.29
CA SER A 155 -35.03 13.06 -4.40
C SER A 155 -35.39 12.49 -5.78
N THR A 156 -36.56 12.87 -6.29
CA THR A 156 -37.08 12.25 -7.50
C THR A 156 -36.95 13.15 -8.71
N GLY A 157 -35.80 13.79 -8.86
CA GLY A 157 -35.49 14.63 -10.01
C GLY A 157 -36.40 15.83 -10.27
N GLY A 158 -37.49 15.93 -9.50
CA GLY A 158 -38.54 16.92 -9.74
C GLY A 158 -38.28 18.34 -9.27
N THR A 159 -37.10 18.59 -8.69
CA THR A 159 -36.78 19.91 -8.13
C THR A 159 -35.41 20.39 -8.58
N GLN A 160 -35.37 21.58 -9.16
CA GLN A 160 -34.11 22.09 -9.69
C GLN A 160 -33.29 22.75 -8.59
N LEU A 161 -31.99 22.81 -8.81
CA LEU A 161 -31.07 23.32 -7.80
C LEU A 161 -31.47 24.73 -7.31
N PRO A 162 -31.76 25.68 -8.21
CA PRO A 162 -32.04 27.00 -7.61
C PRO A 162 -33.22 26.97 -6.65
N THR A 163 -34.22 26.16 -6.94
CA THR A 163 -35.40 26.08 -6.08
C THR A 163 -35.09 25.33 -4.78
N LEU A 164 -34.20 24.34 -4.86
CA LEU A 164 -33.75 23.61 -3.68
C LEU A 164 -33.03 24.55 -2.74
N ALA A 165 -31.99 25.23 -3.23
CA ALA A 165 -31.25 26.19 -2.41
C ALA A 165 -32.15 27.25 -1.80
N ARG A 166 -33.13 27.70 -2.56
CA ARG A 166 -34.04 28.74 -2.09
C ARG A 166 -34.92 28.21 -0.96
N SER A 167 -35.25 26.93 -1.02
CA SER A 167 -36.15 26.33 -0.05
C SER A 167 -35.44 26.15 1.28
N PHE A 168 -34.12 25.98 1.18
CA PHE A 168 -33.26 25.91 2.33
C PHE A 168 -33.30 27.22 3.07
N ILE A 169 -33.07 28.30 2.34
CA ILE A 169 -33.15 29.65 2.88
C ILE A 169 -34.47 29.91 3.61
N ILE A 170 -35.52 29.26 3.15
CA ILE A 170 -36.82 29.44 3.77
C ILE A 170 -36.83 28.69 5.09
N CYS A 171 -36.45 27.41 5.04
CA CYS A 171 -36.38 26.59 6.24
C CYS A 171 -35.44 27.12 7.33
N ILE A 172 -34.20 27.41 6.94
CA ILE A 172 -33.17 27.87 7.87
C ILE A 172 -33.64 29.10 8.64
N GLN A 173 -34.25 30.06 7.95
CA GLN A 173 -34.72 31.26 8.64
C GLN A 173 -35.95 31.03 9.51
N MET A 174 -36.88 30.19 9.08
CA MET A 174 -38.10 30.04 9.84
C MET A 174 -37.94 29.04 11.00
N ILE A 175 -36.86 28.28 10.97
CA ILE A 175 -36.60 27.31 12.04
C ILE A 175 -35.35 27.72 12.83
N SER A 176 -34.17 27.66 12.21
CA SER A 176 -32.94 27.98 12.91
C SER A 176 -32.95 29.37 13.48
N GLU A 177 -33.10 30.36 12.62
CA GLU A 177 -32.99 31.74 13.08
C GLU A 177 -34.16 32.12 14.01
N ALA A 178 -35.33 31.54 13.81
CA ALA A 178 -36.46 31.81 14.70
C ALA A 178 -36.22 31.23 16.08
N ALA A 179 -35.50 30.11 16.13
CA ALA A 179 -35.15 29.52 17.40
C ALA A 179 -34.09 30.40 18.05
N ARG A 180 -33.15 30.88 17.25
CA ARG A 180 -32.07 31.73 17.77
C ARG A 180 -32.58 33.06 18.30
N PHE A 181 -33.58 33.63 17.64
CA PHE A 181 -34.08 34.95 18.04
C PHE A 181 -35.57 34.92 18.35
N GLN A 182 -35.98 35.65 19.39
CA GLN A 182 -37.40 35.79 19.70
C GLN A 182 -38.02 36.84 18.78
N TYR A 183 -37.18 37.75 18.27
CA TYR A 183 -37.59 38.79 17.31
C TYR A 183 -38.03 38.18 15.98
N ILE A 184 -37.16 37.34 15.44
CA ILE A 184 -37.43 36.62 14.21
C ILE A 184 -38.59 35.66 14.35
N GLU A 185 -38.72 35.04 15.51
CA GLU A 185 -39.88 34.18 15.79
C GLU A 185 -41.17 35.01 15.71
N GLY A 186 -41.09 36.25 16.17
CA GLY A 186 -42.20 37.18 16.10
C GLY A 186 -42.50 37.58 14.66
N GLU A 187 -41.44 37.86 13.89
CA GLU A 187 -41.63 38.23 12.50
C GLU A 187 -42.34 37.12 11.73
N MET A 188 -42.14 35.87 12.14
CA MET A 188 -42.85 34.77 11.49
C MET A 188 -44.24 34.66 12.08
N ARG A 189 -44.36 35.03 13.35
CA ARG A 189 -45.65 35.03 14.03
C ARG A 189 -46.59 36.02 13.36
N THR A 190 -46.11 37.22 13.05
CA THR A 190 -46.95 38.22 12.38
C THR A 190 -47.42 37.72 11.00
N ARG A 191 -46.50 37.16 10.22
CA ARG A 191 -46.78 36.60 8.89
C ARG A 191 -47.85 35.51 8.94
N ILE A 192 -47.98 34.82 10.07
CA ILE A 192 -48.99 33.77 10.17
C ILE A 192 -50.34 34.36 10.57
N ARG A 193 -50.35 35.33 11.47
CA ARG A 193 -51.61 35.93 11.93
C ARG A 193 -52.36 36.62 10.79
N TYR A 194 -51.74 37.66 10.23
CA TYR A 194 -52.31 38.45 9.16
C TYR A 194 -52.08 37.75 7.83
N ASN A 195 -51.72 36.46 7.88
CA ASN A 195 -51.61 35.61 6.70
C ASN A 195 -50.67 36.18 5.63
N ARG A 196 -49.69 36.98 6.05
CA ARG A 196 -48.81 37.66 5.11
C ARG A 196 -47.77 36.70 4.55
N ARG A 197 -46.99 37.17 3.58
CA ARG A 197 -45.79 36.51 3.12
C ARG A 197 -44.89 37.61 2.54
N SER A 198 -43.68 37.75 3.06
CA SER A 198 -42.82 38.87 2.67
C SER A 198 -41.39 38.53 2.97
N ALA A 199 -40.48 39.20 2.27
CA ALA A 199 -39.07 39.05 2.55
C ALA A 199 -38.78 39.70 3.91
N PRO A 200 -37.71 39.27 4.58
CA PRO A 200 -37.31 39.91 5.83
C PRO A 200 -36.81 41.33 5.60
N ASP A 201 -37.12 42.24 6.51
CA ASP A 201 -36.61 43.60 6.41
C ASP A 201 -35.18 43.64 6.97
N PRO A 202 -34.46 44.76 6.80
CA PRO A 202 -33.08 44.82 7.32
C PRO A 202 -32.90 44.57 8.83
N SER A 203 -33.94 44.65 9.64
CA SER A 203 -33.77 44.38 11.07
C SER A 203 -33.47 42.89 11.26
N VAL A 204 -34.24 42.05 10.57
CA VAL A 204 -34.03 40.61 10.57
C VAL A 204 -32.68 40.19 9.95
N ILE A 205 -32.42 40.61 8.72
CA ILE A 205 -31.18 40.24 8.00
C ILE A 205 -29.97 40.60 8.84
N THR A 206 -30.00 41.78 9.42
CA THR A 206 -28.90 42.25 10.25
C THR A 206 -28.65 41.31 11.45
N LEU A 207 -29.73 40.86 12.10
CA LEU A 207 -29.56 39.97 13.24
C LEU A 207 -28.96 38.63 12.82
N GLU A 208 -29.46 38.03 11.74
CA GLU A 208 -28.97 36.72 11.28
C GLU A 208 -27.47 36.79 11.00
N ASN A 209 -27.05 37.89 10.41
CA ASN A 209 -25.66 38.08 10.03
C ASN A 209 -24.81 38.34 11.23
N SER A 210 -25.45 38.70 12.33
CA SER A 210 -24.70 39.16 13.48
C SER A 210 -24.81 38.21 14.67
N TRP A 211 -25.59 37.13 14.51
CA TRP A 211 -25.83 36.19 15.60
C TRP A 211 -24.58 35.62 16.28
N GLY A 212 -23.62 35.20 15.47
CA GLY A 212 -22.37 34.66 15.95
C GLY A 212 -21.59 35.67 16.76
N ARG A 213 -21.54 36.91 16.31
CA ARG A 213 -20.70 37.91 16.99
C ARG A 213 -21.44 38.66 18.09
N LEU A 214 -22.77 38.63 18.07
CA LEU A 214 -23.57 39.04 19.22
C LEU A 214 -23.30 38.06 20.37
N SER A 215 -23.32 36.78 20.01
CA SER A 215 -23.00 35.72 20.92
C SER A 215 -21.61 35.94 21.52
N THR A 216 -20.65 36.33 20.70
CA THR A 216 -19.32 36.52 21.25
C THR A 216 -19.30 37.74 22.16
N ALA A 217 -19.84 38.86 21.69
CA ALA A 217 -19.78 40.13 22.43
C ALA A 217 -20.48 40.08 23.77
N ILE A 218 -21.57 39.32 23.85
CA ILE A 218 -22.33 39.19 25.10
C ILE A 218 -21.53 38.36 26.13
N GLN A 219 -20.82 37.36 25.64
CA GLN A 219 -20.15 36.42 26.50
C GLN A 219 -18.79 36.92 26.95
N GLU A 220 -18.18 37.76 26.13
CA GLU A 220 -16.88 38.27 26.54
C GLU A 220 -17.04 39.72 27.04
N SER A 221 -18.26 40.06 27.43
CA SER A 221 -18.53 41.44 27.80
C SER A 221 -18.13 41.75 29.23
N ASN A 222 -18.12 43.02 29.58
CA ASN A 222 -17.88 43.45 30.95
C ASN A 222 -19.17 43.78 31.67
N GLN A 223 -19.60 42.85 32.51
CA GLN A 223 -20.82 42.99 33.29
C GLN A 223 -21.99 43.39 32.38
N GLY A 224 -21.88 43.04 31.11
CA GLY A 224 -22.95 43.30 30.15
C GLY A 224 -22.54 44.24 29.04
N ALA A 225 -21.55 45.07 29.33
CA ALA A 225 -21.08 46.10 28.43
C ALA A 225 -20.14 45.53 27.38
N PHE A 226 -20.42 45.84 26.11
CA PHE A 226 -19.60 45.37 24.99
C PHE A 226 -18.25 46.08 24.96
N ALA A 227 -17.21 45.35 24.58
CA ALA A 227 -15.87 45.91 24.46
C ALA A 227 -15.88 46.95 23.36
N SER A 228 -16.45 46.55 22.23
CA SER A 228 -16.74 47.41 21.08
C SER A 228 -18.23 47.27 20.82
N PRO A 229 -18.91 48.36 20.46
CA PRO A 229 -20.34 48.21 20.17
C PRO A 229 -20.57 47.50 18.85
N ILE A 230 -21.77 46.97 18.67
CA ILE A 230 -22.10 46.23 17.47
C ILE A 230 -23.21 46.93 16.70
N GLN A 231 -22.95 47.19 15.41
CA GLN A 231 -23.91 47.91 14.59
C GLN A 231 -24.94 46.96 14.02
N LEU A 232 -26.21 47.33 14.15
CA LEU A 232 -27.31 46.58 13.53
C LEU A 232 -28.07 47.53 12.60
N GLN A 233 -29.24 47.10 12.13
CA GLN A 233 -30.07 47.97 11.31
C GLN A 233 -31.51 47.89 11.77
N ARG A 234 -32.25 48.99 11.63
CA ARG A 234 -33.67 49.03 11.95
C ARG A 234 -34.44 48.48 10.76
N ARG A 235 -35.76 48.38 10.86
CA ARG A 235 -36.57 47.97 9.71
C ARG A 235 -36.36 48.89 8.51
N ASN A 236 -36.35 50.19 8.76
CA ASN A 236 -36.18 51.19 7.70
C ASN A 236 -34.75 51.27 7.18
N GLY A 237 -33.90 50.34 7.62
CA GLY A 237 -32.55 50.27 7.12
C GLY A 237 -31.56 51.21 7.78
N SER A 238 -32.05 52.07 8.67
CA SER A 238 -31.17 52.95 9.45
C SER A 238 -30.26 52.14 10.39
N LYS A 239 -29.02 52.59 10.55
CA LYS A 239 -28.02 51.90 11.37
C LYS A 239 -27.92 52.43 12.80
N PHE A 240 -27.82 51.53 13.77
CA PHE A 240 -27.60 51.93 15.16
C PHE A 240 -26.76 50.93 15.97
N SER A 241 -25.89 51.44 16.84
CA SER A 241 -25.00 50.57 17.61
C SER A 241 -25.65 50.07 18.89
N VAL A 242 -25.28 48.84 19.26
CA VAL A 242 -25.67 48.27 20.53
C VAL A 242 -24.44 48.20 21.41
N TYR A 243 -24.58 48.72 22.64
CA TYR A 243 -23.46 48.92 23.57
C TYR A 243 -23.49 47.98 24.74
N ASP A 244 -24.66 47.39 24.95
CA ASP A 244 -24.91 46.59 26.12
C ASP A 244 -25.92 45.49 25.82
N VAL A 245 -25.91 44.43 26.63
CA VAL A 245 -26.74 43.27 26.38
C VAL A 245 -28.20 43.49 26.78
N SER A 246 -28.48 44.57 27.50
CA SER A 246 -29.83 44.77 28.03
C SER A 246 -30.88 44.95 26.94
N ILE A 247 -30.54 45.67 25.87
CA ILE A 247 -31.47 45.93 24.77
C ILE A 247 -31.79 44.65 23.99
N LEU A 248 -30.97 43.61 24.19
CA LEU A 248 -31.06 42.38 23.40
C LEU A 248 -31.83 41.27 24.08
N ILE A 249 -32.08 41.39 25.38
CA ILE A 249 -32.76 40.34 26.13
C ILE A 249 -34.12 39.94 25.55
N PRO A 250 -34.90 40.91 25.03
CA PRO A 250 -36.10 40.34 24.40
C PRO A 250 -35.92 39.96 22.94
N ILE A 251 -34.69 40.02 22.43
CA ILE A 251 -34.39 39.80 21.03
C ILE A 251 -33.58 38.51 20.68
N ILE A 252 -32.43 38.28 21.35
CA ILE A 252 -31.64 37.06 21.16
C ILE A 252 -32.11 36.04 22.16
N ALA A 253 -32.34 34.79 21.74
CA ALA A 253 -32.83 33.72 22.63
C ALA A 253 -31.86 32.55 22.86
N LEU A 254 -30.86 32.41 21.97
CA LEU A 254 -29.87 31.34 22.03
C LEU A 254 -28.55 31.88 21.55
N MET A 255 -27.47 31.55 22.26
CA MET A 255 -26.15 31.92 21.80
C MET A 255 -25.35 30.65 21.53
N VAL A 256 -24.35 30.76 20.67
CA VAL A 256 -23.42 29.65 20.45
C VAL A 256 -22.40 29.74 21.57
N TYR A 257 -21.91 28.62 22.06
CA TYR A 257 -20.94 28.65 23.15
C TYR A 257 -19.62 29.29 22.74
N ARG A 258 -19.17 30.30 23.47
CA ARG A 258 -17.91 30.94 23.11
C ARG A 258 -16.85 30.80 24.21
N CYS A 259 -17.28 30.89 25.46
CA CYS A 259 -16.33 30.87 26.56
C CYS A 259 -17.04 30.51 27.85
N ALA A 260 -16.27 30.06 28.84
CA ALA A 260 -16.85 29.69 30.13
C ALA A 260 -17.34 30.95 30.84
N PRO A 261 -18.41 30.82 31.66
CA PRO A 261 -18.93 31.97 32.39
C PRO A 261 -17.84 32.51 33.28
N PRO A 262 -17.64 33.83 33.30
CA PRO A 262 -16.68 34.48 34.21
C PRO A 262 -17.29 34.67 35.62
N PRO A 263 -16.46 34.93 36.65
CA PRO A 263 -16.91 35.26 38.02
C PRO A 263 -18.00 36.35 38.14
N ASP B 21 -26.56 -1.99 12.67
CA ASP B 21 -25.38 -1.82 11.83
C ASP B 21 -25.50 -2.43 10.40
N ILE B 22 -24.79 -1.85 9.43
CA ILE B 22 -24.77 -2.37 8.05
C ILE B 22 -23.73 -3.50 7.87
N VAL B 23 -24.19 -4.72 7.58
CA VAL B 23 -23.28 -5.87 7.43
C VAL B 23 -22.92 -6.17 5.96
N LEU B 24 -21.62 -6.28 5.69
CA LEU B 24 -21.12 -6.44 4.33
C LEU B 24 -20.64 -7.87 4.06
N THR B 25 -21.45 -8.65 3.36
CA THR B 25 -21.12 -10.06 3.10
C THR B 25 -20.44 -10.25 1.75
N GLN B 26 -19.20 -10.74 1.77
CA GLN B 26 -18.42 -10.90 0.56
C GLN B 26 -18.54 -12.27 -0.08
N SER B 27 -18.46 -12.33 -1.40
CA SER B 27 -18.64 -13.58 -2.11
C SER B 27 -17.79 -13.68 -3.37
N PRO B 28 -17.16 -14.84 -3.60
CA PRO B 28 -17.11 -16.00 -2.70
C PRO B 28 -16.02 -15.85 -1.66
N ALA B 29 -15.97 -16.74 -0.67
CA ALA B 29 -14.87 -16.75 0.29
C ALA B 29 -13.53 -16.91 -0.40
N SER B 30 -13.40 -18.05 -1.08
CA SER B 30 -12.20 -18.40 -1.85
C SER B 30 -12.52 -18.29 -3.34
N LEU B 31 -11.57 -17.81 -4.14
CA LEU B 31 -11.75 -17.72 -5.59
C LEU B 31 -10.47 -18.16 -6.31
N ALA B 32 -10.62 -19.12 -7.22
CA ALA B 32 -9.47 -19.64 -7.93
C ALA B 32 -9.45 -19.05 -9.32
N VAL B 33 -8.26 -18.67 -9.79
CA VAL B 33 -8.14 -17.98 -11.07
C VAL B 33 -6.75 -18.15 -11.66
N SER B 34 -6.68 -18.82 -12.80
CA SER B 34 -5.43 -18.94 -13.53
C SER B 34 -5.06 -17.55 -14.02
N LEU B 35 -3.76 -17.24 -14.01
CA LEU B 35 -3.29 -15.94 -14.48
C LEU B 35 -3.84 -15.67 -15.88
N GLY B 36 -4.48 -14.53 -16.07
CA GLY B 36 -5.02 -14.18 -17.37
C GLY B 36 -6.54 -14.22 -17.43
N GLN B 37 -7.16 -15.08 -16.61
CA GLN B 37 -8.62 -15.12 -16.50
C GLN B 37 -9.19 -13.77 -16.06
N ARG B 38 -10.51 -13.68 -16.03
CA ARG B 38 -11.15 -12.47 -15.54
C ARG B 38 -11.78 -12.79 -14.18
N ALA B 39 -11.55 -11.92 -13.19
CA ALA B 39 -12.06 -12.14 -11.84
C ALA B 39 -13.03 -11.04 -11.42
N THR B 40 -14.17 -11.46 -10.90
CA THR B 40 -15.17 -10.55 -10.34
C THR B 40 -15.54 -10.95 -8.90
N ILE B 41 -15.31 -10.02 -7.96
CA ILE B 41 -15.66 -10.21 -6.56
C ILE B 41 -16.89 -9.39 -6.19
N SER B 42 -17.90 -10.03 -5.62
CA SER B 42 -19.04 -9.31 -5.07
C SER B 42 -18.96 -8.98 -3.55
N TYR B 43 -19.88 -8.10 -3.14
CA TYR B 43 -20.09 -7.67 -1.77
C TYR B 43 -21.59 -7.40 -1.51
N ARG B 44 -22.31 -8.34 -0.91
CA ARG B 44 -23.73 -8.09 -0.61
C ARG B 44 -23.92 -7.31 0.70
N ALA B 45 -24.64 -6.19 0.65
CA ALA B 45 -24.87 -5.38 1.85
C ALA B 45 -26.28 -5.57 2.44
N SER B 46 -26.40 -5.54 3.76
CA SER B 46 -27.69 -5.86 4.36
C SER B 46 -28.64 -4.66 4.24
N LYS B 47 -28.07 -3.47 4.00
CA LYS B 47 -28.82 -2.29 3.58
C LYS B 47 -28.01 -1.55 2.54
N SER B 48 -28.58 -0.49 1.98
CA SER B 48 -27.90 0.22 0.91
C SER B 48 -26.69 1.02 1.36
N VAL B 49 -25.65 0.95 0.53
CA VAL B 49 -24.45 1.75 0.64
C VAL B 49 -24.42 2.74 -0.51
N SER B 50 -24.01 3.98 -0.28
CA SER B 50 -23.93 4.92 -1.39
C SER B 50 -22.57 4.85 -2.08
N TYR B 51 -21.50 5.06 -1.31
CA TYR B 51 -20.13 4.96 -1.81
C TYR B 51 -19.34 3.88 -1.04
N MET B 52 -18.62 3.01 -1.78
CA MET B 52 -18.05 1.77 -1.24
C MET B 52 -16.53 1.63 -1.37
N HIS B 53 -15.85 1.38 -0.25
CA HIS B 53 -14.38 1.28 -0.27
C HIS B 53 -13.93 -0.19 -0.49
N TRP B 54 -12.72 -0.40 -1.03
CA TRP B 54 -12.10 -1.73 -1.23
C TRP B 54 -10.66 -1.70 -0.69
N ASN B 55 -10.25 -2.69 0.10
CA ASN B 55 -8.84 -2.74 0.54
C ASN B 55 -8.21 -4.04 0.03
N GLN B 56 -6.91 -4.02 -0.21
CA GLN B 56 -6.19 -5.26 -0.57
C GLN B 56 -5.23 -5.63 0.56
N GLN B 57 -5.12 -6.91 0.88
CA GLN B 57 -4.19 -7.30 1.92
C GLN B 57 -3.46 -8.59 1.58
N LYS B 58 -2.14 -8.55 1.80
CA LYS B 58 -1.29 -9.70 1.57
C LYS B 58 -0.69 -10.14 2.88
N PRO B 59 -0.59 -11.46 3.08
CA PRO B 59 -0.03 -12.06 4.30
C PRO B 59 1.19 -11.31 4.81
N GLY B 60 1.15 -10.87 6.07
CA GLY B 60 2.27 -10.16 6.67
C GLY B 60 2.36 -8.69 6.31
N GLN B 61 1.30 -8.16 5.67
CA GLN B 61 1.25 -6.75 5.28
C GLN B 61 -0.02 -6.07 5.82
N PRO B 62 0.09 -4.77 6.14
CA PRO B 62 -1.14 -4.00 6.43
C PRO B 62 -1.92 -3.75 5.15
N PRO B 63 -3.26 -3.84 5.24
CA PRO B 63 -4.15 -3.56 4.10
C PRO B 63 -3.85 -2.21 3.45
N ARG B 64 -4.09 -2.13 2.15
CA ARG B 64 -3.93 -0.88 1.40
C ARG B 64 -5.25 -0.56 0.72
N LEU B 65 -5.66 0.72 0.71
CA LEU B 65 -6.81 1.10 -0.17
C LEU B 65 -6.43 0.75 -1.58
N LEU B 66 -7.30 0.01 -2.27
CA LEU B 66 -7.14 -0.23 -3.70
C LEU B 66 -8.20 0.64 -4.45
N ILE B 67 -9.42 0.76 -3.89
CA ILE B 67 -10.51 1.50 -4.55
C ILE B 67 -11.36 2.36 -3.61
N TYR B 68 -11.49 3.65 -3.91
CA TYR B 68 -12.31 4.55 -3.08
C TYR B 68 -13.47 5.12 -3.89
N LEU B 69 -14.53 5.56 -3.21
CA LEU B 69 -15.74 6.10 -3.84
C LEU B 69 -16.24 5.18 -4.98
N GLY B 70 -16.36 3.89 -4.63
CA GLY B 70 -16.93 2.84 -5.48
C GLY B 70 -16.11 2.45 -6.70
N SER B 71 -15.61 3.45 -7.45
CA SER B 71 -15.00 3.20 -8.76
C SER B 71 -13.65 3.86 -9.00
N ASN B 72 -13.31 4.91 -8.25
CA ASN B 72 -12.04 5.60 -8.44
C ASN B 72 -10.83 4.77 -7.96
N LEU B 73 -9.92 4.43 -8.86
CA LEU B 73 -8.70 3.69 -8.48
C LEU B 73 -7.75 4.49 -7.60
N GLU B 74 -7.29 3.84 -6.52
CA GLU B 74 -6.23 4.36 -5.66
C GLU B 74 -4.94 4.63 -6.42
N SER B 75 -3.95 5.18 -5.73
CA SER B 75 -2.68 5.49 -6.37
C SER B 75 -1.88 4.20 -6.57
N GLY B 76 -1.17 4.12 -7.65
CA GLY B 76 -0.37 2.96 -7.92
C GLY B 76 -1.13 1.76 -8.39
N VAL B 77 -2.43 1.68 -8.21
CA VAL B 77 -3.12 0.48 -8.61
C VAL B 77 -3.10 0.21 -10.10
N GLY B 78 -2.75 -1.00 -10.51
CA GLY B 78 -2.84 -1.39 -11.89
C GLY B 78 -4.19 -1.02 -12.43
N ALA B 79 -4.38 -0.99 -13.74
CA ALA B 79 -5.64 -0.54 -14.30
C ALA B 79 -6.55 -1.63 -14.77
N ARG B 80 -6.19 -2.86 -14.48
CA ARG B 80 -7.05 -3.98 -14.74
C ARG B 80 -8.11 -3.99 -13.71
N PHE B 81 -8.07 -3.04 -12.81
CA PHE B 81 -8.87 -3.10 -11.63
C PHE B 81 -10.01 -2.16 -11.74
N SER B 82 -11.21 -2.62 -11.43
CA SER B 82 -12.34 -1.79 -11.67
C SER B 82 -13.31 -2.05 -10.57
N GLY B 83 -13.96 -1.02 -10.08
CA GLY B 83 -14.96 -1.18 -9.04
C GLY B 83 -16.28 -0.57 -9.46
N SER B 84 -17.39 -1.24 -9.17
CA SER B 84 -18.73 -0.78 -9.57
C SER B 84 -19.79 -1.24 -8.58
N GLY B 85 -21.00 -0.68 -8.70
CA GLY B 85 -22.13 -1.15 -7.93
C GLY B 85 -23.01 -0.01 -7.41
N SER B 86 -24.09 -0.40 -6.75
CA SER B 86 -25.02 0.54 -6.13
C SER B 86 -25.91 -0.21 -5.15
N GLY B 87 -26.64 0.53 -4.31
CA GLY B 87 -27.59 -0.09 -3.40
C GLY B 87 -26.93 -1.10 -2.49
N THR B 88 -27.31 -2.37 -2.62
CA THR B 88 -26.80 -3.41 -1.72
C THR B 88 -25.83 -4.35 -2.45
N ASP B 89 -25.48 -3.99 -3.69
CA ASP B 89 -24.62 -4.82 -4.53
C ASP B 89 -23.42 -4.06 -5.10
N PHE B 90 -22.23 -4.23 -4.53
CA PHE B 90 -21.05 -3.62 -5.12
C PHE B 90 -20.03 -4.71 -5.52
N THR B 91 -19.19 -4.41 -6.50
CA THR B 91 -18.31 -5.44 -7.10
C THR B 91 -16.91 -4.92 -7.39
N LEU B 92 -15.96 -5.84 -7.40
CA LEU B 92 -14.59 -5.52 -7.79
C LEU B 92 -14.18 -6.47 -8.90
N ASN B 93 -13.76 -5.92 -10.04
CA ASN B 93 -13.39 -6.72 -11.19
C ASN B 93 -11.92 -6.52 -11.58
N ILE B 94 -11.31 -7.61 -12.04
CA ILE B 94 -9.98 -7.59 -12.68
C ILE B 94 -10.19 -8.16 -14.08
N HIS B 95 -9.79 -7.41 -15.12
CA HIS B 95 -10.06 -7.83 -16.50
C HIS B 95 -9.15 -8.98 -16.98
N PRO B 96 -7.81 -8.82 -16.96
CA PRO B 96 -7.08 -10.09 -17.00
C PRO B 96 -6.16 -10.24 -15.78
N VAL B 97 -6.39 -11.28 -14.98
CA VAL B 97 -5.66 -11.40 -13.72
C VAL B 97 -4.16 -11.59 -13.91
N GLU B 98 -3.38 -10.60 -13.45
CA GLU B 98 -1.95 -10.79 -13.31
C GLU B 98 -1.73 -11.58 -12.01
N GLU B 99 -0.51 -12.00 -11.71
CA GLU B 99 -0.31 -12.87 -10.54
C GLU B 99 -0.18 -12.08 -9.24
N GLU B 100 0.45 -10.91 -9.30
CA GLU B 100 0.59 -10.04 -8.14
C GLU B 100 -0.75 -9.71 -7.47
N ASP B 101 -1.85 -10.18 -8.06
CA ASP B 101 -3.18 -9.77 -7.65
C ASP B 101 -3.77 -10.79 -6.71
N ALA B 102 -3.05 -11.90 -6.55
CA ALA B 102 -3.38 -12.89 -5.52
C ALA B 102 -3.19 -12.24 -4.16
N ALA B 103 -4.28 -12.20 -3.40
CA ALA B 103 -4.36 -11.56 -2.10
C ALA B 103 -5.78 -11.68 -1.58
N THR B 104 -6.08 -10.98 -0.48
CA THR B 104 -7.42 -11.00 0.06
C THR B 104 -8.03 -9.57 -0.02
N TYR B 105 -9.25 -9.47 -0.55
CA TYR B 105 -9.89 -8.16 -0.79
C TYR B 105 -11.06 -7.92 0.16
N TYR B 106 -11.03 -6.80 0.89
CA TYR B 106 -12.14 -6.46 1.80
C TYR B 106 -12.85 -5.24 1.27
N CYS B 107 -14.17 -5.28 1.20
CA CYS B 107 -14.88 -4.06 0.93
C CYS B 107 -15.12 -3.34 2.28
N GLN B 108 -15.45 -2.06 2.21
CA GLN B 108 -15.54 -1.18 3.36
C GLN B 108 -16.53 -0.08 3.09
N HIS B 109 -17.26 0.33 4.12
CA HIS B 109 -18.07 1.53 4.05
C HIS B 109 -17.94 2.32 5.36
N LYS B 110 -17.89 3.65 5.31
CA LYS B 110 -17.76 4.43 6.54
C LYS B 110 -18.74 5.61 6.59
N ARG B 111 -19.76 5.59 5.73
CA ARG B 111 -20.66 6.74 5.59
C ARG B 111 -21.94 6.60 6.42
N GLU B 112 -22.32 5.37 6.76
CA GLU B 112 -23.38 5.19 7.74
C GLU B 112 -22.74 4.54 8.93
N TYR B 113 -22.77 5.23 10.08
CA TYR B 113 -22.14 4.73 11.31
C TYR B 113 -22.82 3.46 11.80
N PRO B 114 -22.05 2.49 12.30
CA PRO B 114 -20.60 2.43 12.39
C PRO B 114 -19.95 1.92 11.12
N PRO B 115 -18.66 2.25 10.91
CA PRO B 115 -17.99 1.71 9.72
C PRO B 115 -17.91 0.19 9.80
N THR B 116 -17.85 -0.48 8.64
CA THR B 116 -17.82 -1.94 8.59
C THR B 116 -16.75 -2.46 7.65
N PHE B 117 -16.46 -3.75 7.74
CA PHE B 117 -15.66 -4.42 6.73
C PHE B 117 -16.39 -5.64 6.18
N GLY B 118 -15.98 -6.05 4.98
CA GLY B 118 -16.55 -7.20 4.35
C GLY B 118 -15.98 -8.49 4.92
N GLN B 119 -16.76 -9.56 4.79
CA GLN B 119 -16.34 -10.92 5.15
C GLN B 119 -15.00 -11.38 4.57
N GLY B 120 -14.45 -10.64 3.60
CA GLY B 120 -13.22 -11.07 2.96
C GLY B 120 -13.35 -11.96 1.71
N THR B 121 -12.47 -11.72 0.74
CA THR B 121 -12.32 -12.59 -0.42
C THR B 121 -10.84 -12.82 -0.72
N LYS B 122 -10.38 -14.06 -0.64
CA LYS B 122 -8.98 -14.38 -0.97
C LYS B 122 -8.91 -14.97 -2.39
N VAL B 123 -8.19 -14.31 -3.29
CA VAL B 123 -8.00 -14.89 -4.61
C VAL B 123 -6.64 -15.59 -4.70
N GLU B 124 -6.70 -16.87 -5.09
CA GLU B 124 -5.51 -17.69 -5.33
C GLU B 124 -5.30 -17.96 -6.84
N ILE B 125 -4.04 -18.07 -7.24
CA ILE B 125 -3.67 -18.50 -8.57
C ILE B 125 -4.16 -19.94 -8.81
N LYS B 126 -4.92 -20.18 -9.87
CA LYS B 126 -5.31 -21.55 -10.22
C LYS B 126 -4.23 -22.20 -11.08
N ARG B 127 -4.18 -23.53 -11.02
CA ARG B 127 -3.13 -24.30 -11.67
C ARG B 127 -3.51 -25.77 -11.83
N THR B 128 -2.61 -26.51 -12.47
CA THR B 128 -2.83 -27.93 -12.70
C THR B 128 -2.97 -28.65 -11.37
N VAL B 129 -4.01 -29.47 -11.26
CA VAL B 129 -4.18 -30.30 -10.08
C VAL B 129 -2.90 -31.14 -9.86
N ALA B 130 -2.48 -31.28 -8.60
CA ALA B 130 -1.27 -32.02 -8.26
C ALA B 130 -1.43 -32.84 -6.97
N ALA B 131 -1.11 -34.14 -7.02
CA ALA B 131 -1.14 -34.96 -5.81
C ALA B 131 0.00 -34.56 -4.90
N PRO B 132 -0.18 -34.71 -3.58
CA PRO B 132 0.84 -34.34 -2.61
C PRO B 132 1.84 -35.46 -2.37
N SER B 133 3.11 -35.11 -2.13
CA SER B 133 4.07 -36.10 -1.66
C SER B 133 3.80 -36.32 -0.17
N VAL B 134 3.64 -37.57 0.23
CA VAL B 134 3.50 -37.86 1.66
C VAL B 134 4.75 -38.56 2.19
N PHE B 135 5.33 -37.98 3.24
CA PHE B 135 6.54 -38.50 3.81
C PHE B 135 6.39 -38.62 5.35
N ILE B 136 6.54 -39.83 5.90
CA ILE B 136 6.30 -40.02 7.34
C ILE B 136 7.58 -40.31 8.12
N PHE B 137 7.68 -39.72 9.31
CA PHE B 137 8.92 -39.79 10.08
C PHE B 137 8.65 -40.21 11.53
N PRO B 138 9.33 -41.26 12.01
CA PRO B 138 9.18 -41.67 13.41
C PRO B 138 9.97 -40.71 14.29
N PRO B 139 9.67 -40.67 15.60
CA PRO B 139 10.39 -39.80 16.54
C PRO B 139 11.89 -40.08 16.56
N SER B 140 12.68 -39.04 16.78
CA SER B 140 14.13 -39.19 16.93
C SER B 140 14.50 -39.83 18.26
N ASP B 141 15.71 -40.40 18.29
CA ASP B 141 16.34 -40.85 19.52
C ASP B 141 16.28 -39.75 20.56
N GLU B 142 16.61 -38.53 20.13
CA GLU B 142 16.61 -37.34 20.97
C GLU B 142 15.27 -37.07 21.66
N GLN B 143 14.16 -37.15 20.93
CA GLN B 143 12.85 -36.96 21.55
C GLN B 143 12.56 -38.06 22.58
N LEU B 144 12.72 -39.31 22.16
CA LEU B 144 12.31 -40.47 22.94
C LEU B 144 13.23 -40.69 24.15
N LYS B 145 14.38 -40.01 24.17
CA LYS B 145 15.24 -39.92 25.35
C LYS B 145 14.86 -38.66 26.14
N SER B 146 13.56 -38.52 26.40
CA SER B 146 12.96 -37.33 27.03
C SER B 146 11.46 -37.63 27.17
N GLY B 147 11.10 -38.89 26.98
CA GLY B 147 9.76 -39.37 27.28
C GLY B 147 8.70 -38.92 26.28
N THR B 148 9.16 -38.15 25.30
CA THR B 148 8.31 -37.64 24.25
C THR B 148 8.43 -38.48 22.98
N ALA B 149 7.35 -38.53 22.20
CA ALA B 149 7.35 -39.22 20.91
C ALA B 149 6.44 -38.52 19.90
N SER B 150 7.02 -37.73 18.99
CA SER B 150 6.23 -37.04 17.96
C SER B 150 6.44 -37.63 16.56
N VAL B 151 5.37 -38.12 15.95
CA VAL B 151 5.44 -38.72 14.61
C VAL B 151 4.97 -37.72 13.54
N VAL B 152 5.93 -37.11 12.84
CA VAL B 152 5.59 -36.07 11.87
C VAL B 152 5.26 -36.67 10.51
N CYS B 153 4.31 -36.05 9.84
CA CYS B 153 3.95 -36.42 8.48
C CYS B 153 3.90 -35.16 7.63
N LEU B 154 4.85 -35.02 6.70
CA LEU B 154 4.90 -33.88 5.79
C LEU B 154 4.02 -34.16 4.55
N LEU B 155 3.17 -33.21 4.17
CA LEU B 155 2.34 -33.34 2.93
C LEU B 155 2.60 -32.19 1.94
N ASN B 156 3.51 -32.40 1.00
CA ASN B 156 4.03 -31.29 0.19
C ASN B 156 3.56 -31.12 -1.27
N ASN B 157 3.47 -29.85 -1.66
CA ASN B 157 3.33 -29.40 -3.04
C ASN B 157 2.12 -29.98 -3.77
N PHE B 158 0.94 -29.75 -3.21
CA PHE B 158 -0.31 -30.17 -3.84
C PHE B 158 -1.23 -29.00 -4.23
N TYR B 159 -2.24 -29.32 -5.05
CA TYR B 159 -3.28 -28.39 -5.47
C TYR B 159 -4.49 -29.23 -5.86
N PRO B 160 -5.71 -28.79 -5.47
CA PRO B 160 -6.05 -27.58 -4.70
C PRO B 160 -5.78 -27.70 -3.19
N ARG B 161 -6.03 -26.61 -2.48
CA ARG B 161 -5.68 -26.46 -1.07
C ARG B 161 -6.30 -27.49 -0.12
N GLU B 162 -7.53 -27.90 -0.39
CA GLU B 162 -8.24 -28.78 0.52
C GLU B 162 -7.59 -30.15 0.59
N ALA B 163 -7.36 -30.66 1.80
CA ALA B 163 -6.86 -32.01 2.00
C ALA B 163 -7.52 -32.61 3.25
N LYS B 164 -7.41 -33.92 3.40
CA LYS B 164 -7.94 -34.57 4.59
C LYS B 164 -6.92 -35.56 5.09
N VAL B 165 -6.58 -35.47 6.39
CA VAL B 165 -5.61 -36.39 6.98
C VAL B 165 -6.22 -37.21 8.09
N GLN B 166 -6.07 -38.53 7.99
CA GLN B 166 -6.41 -39.44 9.09
C GLN B 166 -5.13 -40.09 9.58
N TRP B 167 -5.04 -40.30 10.89
CA TRP B 167 -3.90 -40.99 11.48
C TRP B 167 -4.29 -42.37 11.96
N LYS B 168 -3.53 -43.38 11.54
CA LYS B 168 -3.87 -44.75 11.92
C LYS B 168 -2.73 -45.45 12.67
N VAL B 169 -2.78 -45.39 14.01
CA VAL B 169 -1.84 -46.14 14.86
C VAL B 169 -2.42 -47.52 15.22
N GLY B 170 -2.01 -48.54 14.46
CA GLY B 170 -2.68 -49.85 14.38
C GLY B 170 -4.07 -49.68 13.75
N ASN B 171 -4.86 -48.78 14.34
CA ASN B 171 -6.04 -48.19 13.69
C ASN B 171 -6.35 -46.84 14.37
N LEU B 172 -7.59 -46.66 14.83
CA LEU B 172 -7.97 -45.49 15.64
C LEU B 172 -7.64 -44.13 14.99
N GLN B 173 -7.19 -43.18 15.81
CA GLN B 173 -6.86 -41.83 15.36
C GLN B 173 -6.34 -40.98 16.51
N GLY B 174 -6.97 -39.84 16.76
CA GLY B 174 -6.71 -39.09 17.98
C GLY B 174 -6.48 -37.58 17.90
N ASN B 175 -5.61 -37.10 18.79
CA ASN B 175 -5.31 -35.68 18.98
C ASN B 175 -3.98 -35.20 18.38
N SER B 176 -4.04 -34.66 17.16
CA SER B 176 -2.83 -34.32 16.39
C SER B 176 -2.60 -32.81 16.19
N GLN B 177 -1.70 -32.47 15.27
CA GLN B 177 -1.22 -31.09 15.11
C GLN B 177 -0.88 -30.71 13.67
N GLU B 178 -1.79 -29.99 13.02
CA GLU B 178 -1.65 -29.68 11.61
C GLU B 178 -1.40 -28.20 11.35
N SER B 179 -0.42 -27.88 10.53
CA SER B 179 -0.23 -26.50 10.09
C SER B 179 -0.09 -26.44 8.57
N VAL B 180 -0.57 -25.34 7.97
CA VAL B 180 -0.61 -25.25 6.51
C VAL B 180 0.11 -24.00 5.96
N THR B 181 0.92 -24.17 4.93
CA THR B 181 1.64 -23.05 4.30
C THR B 181 0.78 -22.20 3.35
N GLU B 182 1.32 -21.02 3.01
CA GLU B 182 0.77 -20.19 1.93
C GLU B 182 1.00 -20.80 0.55
N GLN B 183 0.21 -20.36 -0.41
CA GLN B 183 0.41 -20.77 -1.80
C GLN B 183 1.78 -20.31 -2.27
N ASP B 184 2.56 -21.26 -2.77
CA ASP B 184 3.94 -21.03 -3.16
C ASP B 184 4.03 -19.94 -4.23
N SER B 185 5.07 -19.12 -4.17
CA SER B 185 5.20 -18.02 -5.12
C SER B 185 5.81 -18.48 -6.45
N LYS B 186 6.31 -19.72 -6.50
CA LYS B 186 6.86 -20.27 -7.73
C LYS B 186 5.89 -21.21 -8.42
N ASP B 187 5.48 -22.30 -7.75
CA ASP B 187 4.67 -23.32 -8.41
C ASP B 187 3.22 -23.37 -7.96
N SER B 188 2.78 -22.30 -7.30
CA SER B 188 1.38 -22.16 -6.86
C SER B 188 0.82 -23.36 -6.08
N THR B 189 1.66 -24.06 -5.34
CA THR B 189 1.16 -25.20 -4.59
C THR B 189 0.98 -24.85 -3.12
N TYR B 190 0.43 -25.81 -2.38
CA TYR B 190 0.29 -25.74 -0.92
C TYR B 190 1.03 -26.88 -0.25
N SER B 191 1.24 -26.79 1.07
CA SER B 191 1.84 -27.88 1.85
C SER B 191 1.14 -28.00 3.20
N LEU B 192 1.13 -29.21 3.76
CA LEU B 192 0.58 -29.49 5.11
C LEU B 192 1.66 -30.17 5.93
N SER B 193 1.74 -29.83 7.23
CA SER B 193 2.59 -30.57 8.18
C SER B 193 1.76 -31.07 9.35
N SER B 194 1.57 -32.37 9.44
CA SER B 194 0.78 -32.93 10.54
C SER B 194 1.72 -33.61 11.50
N THR B 195 1.61 -33.27 12.79
CA THR B 195 2.41 -33.92 13.80
C THR B 195 1.51 -34.65 14.77
N LEU B 196 1.95 -35.83 15.19
CA LEU B 196 1.24 -36.59 16.22
C LEU B 196 2.14 -36.82 17.43
N THR B 197 1.87 -36.12 18.54
CA THR B 197 2.75 -36.24 19.70
C THR B 197 2.16 -37.04 20.87
N LEU B 198 2.74 -38.22 21.06
CA LEU B 198 2.32 -39.18 22.06
C LEU B 198 3.52 -39.39 22.99
N SER B 199 3.31 -40.06 24.13
CA SER B 199 4.43 -40.28 25.07
C SER B 199 5.13 -41.61 24.82
N LYS B 200 6.43 -41.68 25.12
CA LYS B 200 7.19 -42.90 24.89
C LYS B 200 6.43 -44.10 25.45
N ALA B 201 6.02 -44.01 26.71
CA ALA B 201 5.34 -45.12 27.37
C ALA B 201 3.97 -45.43 26.74
N ASP B 202 3.52 -44.59 25.80
CA ASP B 202 2.27 -44.80 25.09
C ASP B 202 2.57 -45.24 23.67
N TYR B 203 3.64 -44.67 23.15
CA TYR B 203 4.16 -44.97 21.82
C TYR B 203 4.56 -46.43 21.71
N GLU B 204 5.12 -46.99 22.77
CA GLU B 204 5.52 -48.41 22.76
C GLU B 204 4.45 -49.30 23.38
N LYS B 205 3.22 -49.18 22.88
CA LYS B 205 2.14 -50.05 23.31
C LYS B 205 1.36 -50.48 22.07
N HIS B 206 1.73 -49.91 20.92
CA HIS B 206 1.22 -50.34 19.63
C HIS B 206 2.39 -50.37 18.63
N LYS B 207 2.16 -50.92 17.44
CA LYS B 207 3.27 -51.20 16.54
C LYS B 207 3.13 -50.56 15.15
N VAL B 208 1.90 -50.52 14.63
CA VAL B 208 1.61 -49.98 13.30
C VAL B 208 1.31 -48.48 13.31
N TYR B 209 1.97 -47.69 12.45
CA TYR B 209 1.76 -46.24 12.42
C TYR B 209 1.57 -45.69 11.00
N ALA B 210 0.33 -45.30 10.67
CA ALA B 210 0.00 -44.91 9.30
C ALA B 210 -0.49 -43.47 9.16
N CYS B 211 0.04 -42.80 8.16
CA CYS B 211 -0.39 -41.46 7.76
C CYS B 211 -1.12 -41.58 6.43
N GLU B 212 -2.44 -41.69 6.50
CA GLU B 212 -3.27 -41.88 5.31
C GLU B 212 -3.85 -40.54 4.93
N VAL B 213 -3.96 -40.29 3.62
CA VAL B 213 -4.33 -38.98 3.11
C VAL B 213 -5.40 -39.01 2.02
N THR B 214 -6.56 -38.42 2.31
CA THR B 214 -7.61 -38.24 1.30
C THR B 214 -7.47 -36.89 0.57
N HIS B 215 -7.84 -36.86 -0.71
CA HIS B 215 -7.64 -35.68 -1.57
C HIS B 215 -8.36 -35.81 -2.93
N GLN B 216 -8.43 -34.71 -3.67
CA GLN B 216 -8.97 -34.75 -5.03
C GLN B 216 -8.14 -35.64 -5.96
N GLY B 217 -6.88 -35.28 -6.17
CA GLY B 217 -5.97 -35.96 -7.08
C GLY B 217 -6.18 -37.46 -7.28
N LEU B 218 -6.65 -38.14 -6.23
CA LEU B 218 -6.92 -39.58 -6.27
C LEU B 218 -8.17 -39.95 -5.48
N SER B 219 -8.83 -41.03 -5.88
CA SER B 219 -9.95 -41.58 -5.11
C SER B 219 -9.39 -42.44 -3.99
N SER B 220 -8.25 -43.08 -4.26
CA SER B 220 -7.58 -43.96 -3.30
C SER B 220 -6.50 -43.20 -2.53
N PRO B 221 -6.69 -43.10 -1.20
CA PRO B 221 -5.87 -42.31 -0.27
C PRO B 221 -4.39 -42.71 -0.20
N VAL B 222 -3.49 -41.77 -0.49
CA VAL B 222 -2.04 -41.99 -0.35
C VAL B 222 -1.69 -42.41 1.08
N THR B 223 -1.01 -43.56 1.21
CA THR B 223 -0.66 -44.10 2.53
C THR B 223 0.85 -44.24 2.70
N LYS B 224 1.35 -43.72 3.82
CA LYS B 224 2.70 -44.02 4.28
C LYS B 224 2.61 -44.56 5.69
N SER B 225 3.53 -45.44 6.05
CA SER B 225 3.50 -46.04 7.39
C SER B 225 4.85 -46.65 7.73
N PHE B 226 4.99 -47.09 8.98
CA PHE B 226 6.20 -47.74 9.45
C PHE B 226 5.86 -48.61 10.65
N ASN B 227 6.85 -49.34 11.16
CA ASN B 227 6.68 -50.12 12.38
C ASN B 227 7.81 -49.79 13.35
N ARG B 228 7.55 -49.90 14.65
CA ARG B 228 8.59 -49.64 15.65
C ARG B 228 9.55 -50.81 15.81
N GLN C 24 2.88 4.93 12.76
CA GLN C 24 3.96 4.38 13.60
C GLN C 24 3.44 3.70 14.88
N GLN C 25 3.65 2.39 14.99
CA GLN C 25 3.19 1.61 16.14
C GLN C 25 4.20 0.49 16.49
N PRO C 26 4.29 0.07 17.76
CA PRO C 26 5.22 -1.04 18.06
C PRO C 26 4.74 -2.35 17.45
N GLY C 27 5.65 -3.28 17.16
CA GLY C 27 5.28 -4.47 16.42
C GLY C 27 4.75 -5.62 17.25
N SER C 28 5.25 -5.74 18.48
CA SER C 28 4.86 -6.86 19.33
C SER C 28 4.67 -6.41 20.78
N GLU C 29 3.68 -7.00 21.44
CA GLU C 29 3.47 -6.83 22.86
C GLU C 29 3.09 -8.17 23.47
N LEU C 30 3.80 -8.56 24.52
CA LEU C 30 3.43 -9.69 25.35
C LEU C 30 2.57 -9.18 26.48
N VAL C 31 1.57 -9.95 26.87
CA VAL C 31 0.71 -9.53 27.95
C VAL C 31 0.04 -10.77 28.55
N ARG C 32 0.11 -10.89 29.88
CA ARG C 32 -0.36 -12.10 30.56
C ARG C 32 -1.90 -12.12 30.65
N PRO C 33 -2.50 -13.32 30.77
CA PRO C 33 -3.96 -13.45 30.85
C PRO C 33 -4.57 -12.57 31.94
N GLY C 34 -5.73 -11.98 31.68
CA GLY C 34 -6.35 -11.08 32.64
C GLY C 34 -5.59 -9.79 32.95
N ALA C 35 -4.41 -9.59 32.35
CA ALA C 35 -3.73 -8.29 32.41
C ALA C 35 -4.28 -7.31 31.35
N SER C 36 -3.75 -6.09 31.30
CA SER C 36 -4.20 -5.10 30.30
C SER C 36 -3.02 -4.52 29.50
N VAL C 37 -3.30 -4.00 28.29
CA VAL C 37 -2.24 -3.46 27.43
C VAL C 37 -2.63 -2.06 26.94
N LYS C 38 -1.63 -1.19 26.77
CA LYS C 38 -1.86 0.19 26.37
C LYS C 38 -1.06 0.45 25.09
N LEU C 39 -1.75 0.39 23.96
CA LEU C 39 -1.07 0.39 22.68
C LEU C 39 -0.91 1.81 22.15
N SER C 40 0.25 2.10 21.56
CA SER C 40 0.56 3.46 21.09
C SER C 40 0.48 3.59 19.57
N CYS C 41 0.29 4.83 19.12
CA CYS C 41 0.24 5.16 17.70
C CYS C 41 0.73 6.61 17.52
N LYS C 42 2.02 6.78 17.23
CA LYS C 42 2.60 8.10 17.00
C LYS C 42 2.32 8.53 15.57
N ALA C 43 1.81 9.74 15.44
CA ALA C 43 1.42 10.29 14.15
C ALA C 43 2.34 11.44 13.73
N SER C 44 2.97 11.26 12.58
CA SER C 44 3.83 12.27 11.98
C SER C 44 3.31 12.59 10.59
N GLY C 45 3.64 13.77 10.07
CA GLY C 45 3.45 14.10 8.66
C GLY C 45 2.12 14.69 8.21
N TYR C 46 1.36 15.24 9.15
CA TYR C 46 0.05 15.87 8.88
C TYR C 46 -0.48 16.58 10.12
N THR C 47 -1.49 17.41 9.93
CA THR C 47 -2.12 18.11 11.06
C THR C 47 -2.77 17.10 12.00
N PHE C 48 -2.12 16.83 13.13
CA PHE C 48 -2.58 15.78 14.02
C PHE C 48 -3.99 16.01 14.56
N THR C 49 -4.43 17.27 14.54
CA THR C 49 -5.73 17.62 15.10
C THR C 49 -6.73 17.97 14.00
N SER C 50 -6.68 17.26 12.87
CA SER C 50 -7.55 17.56 11.75
C SER C 50 -8.14 16.30 11.09
N TYR C 51 -7.73 15.13 11.59
CA TYR C 51 -8.23 13.86 11.05
C TYR C 51 -8.63 12.90 12.17
N TRP C 52 -9.32 11.82 11.81
CA TRP C 52 -9.64 10.77 12.76
C TRP C 52 -8.60 9.67 12.72
N ILE C 53 -8.29 9.10 13.90
CA ILE C 53 -7.45 7.91 13.97
C ILE C 53 -8.29 6.72 14.44
N ASN C 54 -8.27 5.66 13.64
CA ASN C 54 -9.14 4.50 13.82
C ASN C 54 -8.40 3.31 14.41
N TRP C 55 -9.12 2.39 15.04
CA TRP C 55 -8.48 1.15 15.46
C TRP C 55 -9.14 -0.06 14.82
N VAL C 56 -8.32 -0.93 14.22
CA VAL C 56 -8.86 -2.10 13.55
C VAL C 56 -8.12 -3.34 13.99
N LYS C 57 -8.88 -4.35 14.40
CA LYS C 57 -8.35 -5.56 15.01
C LYS C 57 -8.36 -6.74 14.05
N GLN C 58 -7.21 -7.35 13.80
CA GLN C 58 -7.18 -8.58 13.02
C GLN C 58 -6.63 -9.79 13.81
N ARG C 59 -7.49 -10.77 14.06
CA ARG C 59 -7.07 -12.03 14.63
C ARG C 59 -6.39 -12.87 13.56
N PRO C 60 -5.41 -13.71 13.96
CA PRO C 60 -4.75 -14.65 13.05
C PRO C 60 -5.68 -15.25 12.00
N GLY C 61 -5.36 -14.99 10.73
CA GLY C 61 -6.03 -15.65 9.62
C GLY C 61 -7.53 -15.44 9.58
N GLN C 62 -7.99 -14.32 10.13
CA GLN C 62 -9.40 -14.02 10.08
C GLN C 62 -9.56 -12.59 9.55
N GLY C 63 -10.76 -12.03 9.66
CA GLY C 63 -11.05 -10.77 8.99
C GLY C 63 -10.61 -9.49 9.70
N LEU C 64 -11.22 -8.39 9.28
CA LEU C 64 -10.90 -7.06 9.79
C LEU C 64 -12.07 -6.51 10.62
N GLU C 65 -11.88 -6.35 11.94
CA GLU C 65 -12.92 -5.75 12.78
C GLU C 65 -12.57 -4.34 13.22
N TRP C 66 -13.49 -3.41 13.04
CA TRP C 66 -13.28 -2.01 13.46
C TRP C 66 -13.68 -1.84 14.91
N ILE C 67 -12.74 -1.41 15.74
CA ILE C 67 -12.96 -1.43 17.19
C ILE C 67 -13.54 -0.11 17.62
N GLY C 68 -13.00 0.95 17.04
CA GLY C 68 -13.48 2.29 17.33
C GLY C 68 -12.47 3.34 16.87
N ASN C 69 -12.72 4.60 17.22
CA ASN C 69 -11.83 5.67 16.81
C ASN C 69 -11.84 6.89 17.73
N ILE C 70 -11.01 7.87 17.37
CA ILE C 70 -10.86 9.09 18.14
C ILE C 70 -10.40 10.26 17.25
N TYR C 71 -10.89 11.46 17.58
CA TYR C 71 -10.56 12.68 16.85
C TYR C 71 -9.73 13.59 17.73
N PRO C 72 -8.40 13.40 17.71
CA PRO C 72 -7.46 14.03 18.64
C PRO C 72 -7.72 15.51 18.89
N GLY C 73 -8.11 16.25 17.84
CA GLY C 73 -8.38 17.67 17.98
C GLY C 73 -9.60 18.03 18.82
N SER C 74 -10.53 17.11 19.05
CA SER C 74 -11.71 17.45 19.84
C SER C 74 -12.02 16.42 20.94
N GLY C 75 -11.22 15.37 21.00
CA GLY C 75 -11.42 14.32 21.97
C GLY C 75 -12.62 13.39 21.80
N ARG C 76 -13.35 13.47 20.68
CA ARG C 76 -14.52 12.62 20.56
C ARG C 76 -14.15 11.18 20.19
N THR C 77 -14.95 10.24 20.70
CA THR C 77 -14.67 8.82 20.50
C THR C 77 -15.88 8.06 19.96
N ASN C 78 -15.61 6.86 19.43
CA ASN C 78 -16.63 5.93 19.06
C ASN C 78 -16.09 4.58 19.40
N TYR C 79 -16.94 3.71 19.92
CA TYR C 79 -16.54 2.33 20.16
C TYR C 79 -17.55 1.35 19.58
N ASP C 80 -17.08 0.32 18.87
CA ASP C 80 -17.99 -0.70 18.42
C ASP C 80 -18.62 -1.37 19.63
N GLU C 81 -19.90 -1.73 19.52
CA GLU C 81 -20.65 -2.30 20.65
C GLU C 81 -19.91 -3.53 21.20
N LYS C 82 -19.27 -4.25 20.28
CA LYS C 82 -18.47 -5.42 20.60
C LYS C 82 -17.18 -5.08 21.38
N PHE C 83 -16.93 -3.79 21.63
CA PHE C 83 -15.74 -3.38 22.39
C PHE C 83 -16.03 -2.27 23.41
N LYS C 84 -17.31 -1.93 23.58
CA LYS C 84 -17.71 -0.75 24.37
C LYS C 84 -17.10 -0.73 25.76
N ASN C 85 -16.99 -1.89 26.39
CA ASN C 85 -16.46 -1.96 27.76
C ASN C 85 -15.04 -2.58 27.85
N LYS C 86 -14.48 -3.01 26.71
CA LYS C 86 -13.11 -3.53 26.68
C LYS C 86 -12.06 -2.44 26.37
N ALA C 87 -12.44 -1.41 25.65
CA ALA C 87 -11.44 -0.48 25.11
C ALA C 87 -11.65 0.96 25.58
N THR C 88 -10.53 1.66 25.79
CA THR C 88 -10.59 3.09 26.06
C THR C 88 -9.56 3.81 25.21
N LEU C 89 -10.03 4.68 24.32
CA LEU C 89 -9.13 5.43 23.44
C LEU C 89 -8.88 6.79 24.06
N THR C 90 -7.64 7.24 24.02
CA THR C 90 -7.27 8.54 24.57
C THR C 90 -6.08 9.08 23.80
N VAL C 91 -5.79 10.37 23.91
CA VAL C 91 -4.78 10.97 23.04
C VAL C 91 -3.82 11.90 23.77
N ASP C 92 -2.52 11.76 23.47
CA ASP C 92 -1.48 12.58 24.07
C ASP C 92 -1.03 13.68 23.10
N THR C 93 -1.79 14.78 23.04
CA THR C 93 -1.57 15.84 22.05
C THR C 93 -0.11 16.29 21.98
N SER C 94 0.54 16.28 23.14
CA SER C 94 1.96 16.61 23.28
C SER C 94 2.85 15.72 22.41
N SER C 95 2.71 14.40 22.54
CA SER C 95 3.53 13.45 21.77
C SER C 95 3.05 13.25 20.33
N SER C 96 1.88 13.81 20.00
CA SER C 96 1.15 13.50 18.76
C SER C 96 0.90 12.01 18.65
N THR C 97 0.31 11.44 19.70
CA THR C 97 0.20 9.98 19.81
C THR C 97 -1.22 9.63 20.21
N VAL C 98 -1.73 8.48 19.76
CA VAL C 98 -2.99 7.96 20.31
C VAL C 98 -2.77 6.65 21.06
N TYR C 99 -3.65 6.37 22.02
CA TYR C 99 -3.56 5.15 22.79
C TYR C 99 -4.88 4.38 22.73
N ILE C 100 -4.78 3.06 22.62
CA ILE C 100 -5.90 2.14 22.82
C ILE C 100 -5.56 1.20 23.98
N GLN C 101 -6.43 1.13 24.98
CA GLN C 101 -6.22 0.25 26.13
C GLN C 101 -7.28 -0.84 26.22
N VAL C 102 -6.87 -2.10 26.09
CA VAL C 102 -7.83 -3.19 26.22
C VAL C 102 -7.79 -3.75 27.65
N SER C 103 -8.92 -4.27 28.09
CA SER C 103 -9.12 -4.72 29.46
C SER C 103 -9.09 -6.23 29.54
N SER C 104 -8.43 -6.77 30.57
CA SER C 104 -8.53 -8.19 30.94
C SER C 104 -8.39 -9.16 29.77
N LEU C 105 -7.19 -9.31 29.23
CA LEU C 105 -7.03 -10.02 27.95
C LEU C 105 -7.27 -11.52 27.99
N THR C 106 -8.20 -12.00 27.16
CA THR C 106 -8.37 -13.45 27.00
C THR C 106 -7.55 -13.95 25.80
N SER C 107 -7.72 -15.23 25.47
CA SER C 107 -7.04 -15.79 24.33
C SER C 107 -7.72 -15.30 23.04
N GLU C 108 -9.01 -15.02 23.14
CA GLU C 108 -9.77 -14.51 22.01
C GLU C 108 -9.35 -13.08 21.70
N ASP C 109 -8.58 -12.49 22.61
CA ASP C 109 -8.11 -11.12 22.44
C ASP C 109 -6.72 -11.10 21.78
N ALA C 110 -6.04 -12.23 21.72
CA ALA C 110 -4.75 -12.27 21.03
C ALA C 110 -4.95 -12.03 19.54
N ALA C 111 -4.36 -10.95 19.02
CA ALA C 111 -4.59 -10.51 17.65
C ALA C 111 -3.67 -9.36 17.27
N VAL C 112 -3.85 -8.82 16.07
CA VAL C 112 -3.08 -7.66 15.62
C VAL C 112 -3.94 -6.39 15.67
N PHE C 113 -3.35 -5.29 16.09
CA PHE C 113 -4.08 -4.04 16.23
C PHE C 113 -3.47 -2.96 15.37
N TYR C 114 -4.12 -2.71 14.22
CA TYR C 114 -3.78 -1.64 13.33
C TYR C 114 -4.42 -0.35 13.80
N CYS C 115 -3.70 0.76 13.69
CA CYS C 115 -4.33 2.08 13.74
C CYS C 115 -4.32 2.73 12.32
N VAL C 116 -5.38 3.49 12.01
CA VAL C 116 -5.63 3.96 10.64
C VAL C 116 -6.10 5.41 10.58
N ARG C 117 -5.46 6.22 9.74
CA ARG C 117 -6.02 7.53 9.38
C ARG C 117 -6.82 7.35 8.10
N TRP C 118 -8.11 7.68 8.18
CA TRP C 118 -8.87 7.78 6.97
C TRP C 118 -9.83 8.94 7.03
N VAL C 119 -10.20 9.40 5.85
CA VAL C 119 -11.01 10.59 5.69
C VAL C 119 -12.48 10.21 5.51
N TYR C 120 -13.33 11.03 6.09
CA TYR C 120 -14.76 10.92 5.90
C TYR C 120 -15.05 11.99 4.88
N GLY C 121 -15.86 11.68 3.88
CA GLY C 121 -16.23 12.67 2.88
C GLY C 121 -15.78 12.42 1.45
N ASN C 122 -15.13 13.41 0.85
CA ASN C 122 -14.87 13.41 -0.58
C ASN C 122 -13.55 14.07 -0.99
N PHE C 123 -13.32 15.30 -0.52
CA PHE C 123 -12.21 16.14 -1.01
C PHE C 123 -10.85 15.44 -1.04
N ASP C 124 -10.53 14.67 -0.01
CA ASP C 124 -9.29 13.88 -0.03
C ASP C 124 -9.61 12.41 0.28
N SER C 125 -10.47 11.82 -0.54
CA SER C 125 -11.04 10.49 -0.32
C SER C 125 -10.03 9.32 -0.21
N ALA C 126 -9.01 9.33 -1.06
CA ALA C 126 -7.99 8.27 -1.07
C ALA C 126 -6.86 8.48 -0.06
N LEU C 127 -7.16 9.05 1.11
CA LEU C 127 -6.11 9.39 2.05
C LEU C 127 -5.81 8.26 3.04
N ASP C 128 -6.44 7.10 2.88
CA ASP C 128 -6.30 6.04 3.88
C ASP C 128 -4.82 5.66 4.07
N TYR C 129 -4.42 5.47 5.34
CA TYR C 129 -3.03 5.21 5.71
C TYR C 129 -2.89 4.36 7.00
N TRP C 130 -2.30 3.16 6.90
CA TRP C 130 -2.26 2.20 8.02
C TRP C 130 -0.94 2.08 8.74
N GLY C 131 -1.02 1.93 10.07
CA GLY C 131 0.15 1.64 10.86
C GLY C 131 0.60 0.21 10.58
N GLN C 132 1.83 -0.11 10.98
CA GLN C 132 2.43 -1.42 10.75
C GLN C 132 1.59 -2.48 11.45
N GLY C 133 0.99 -2.11 12.57
CA GLY C 133 0.21 -3.03 13.36
C GLY C 133 0.99 -3.50 14.58
N THR C 134 0.30 -4.13 15.52
CA THR C 134 0.94 -4.61 16.73
C THR C 134 0.48 -6.02 17.03
N SER C 135 1.37 -7.00 16.92
CA SER C 135 0.99 -8.35 17.25
C SER C 135 0.93 -8.50 18.78
N VAL C 136 -0.27 -8.75 19.30
CA VAL C 136 -0.45 -8.97 20.71
C VAL C 136 -0.62 -10.47 20.99
N THR C 137 0.37 -11.04 21.68
CA THR C 137 0.24 -12.40 22.24
C THR C 137 -0.18 -12.35 23.70
N VAL C 138 -1.10 -13.23 24.07
CA VAL C 138 -1.51 -13.37 25.45
C VAL C 138 -0.95 -14.68 26.05
N SER C 139 0.07 -14.58 26.91
CA SER C 139 0.67 -15.81 27.49
C SER C 139 1.27 -15.70 28.90
N SER C 140 1.13 -16.79 29.66
CA SER C 140 1.78 -16.93 30.97
C SER C 140 3.19 -17.52 30.86
N ALA C 141 3.57 -17.95 29.67
CA ALA C 141 4.86 -18.60 29.43
C ALA C 141 6.08 -17.72 29.64
N SER C 142 7.24 -18.37 29.64
CA SER C 142 8.54 -17.74 29.87
C SER C 142 9.46 -18.10 28.71
N THR C 143 10.51 -17.33 28.50
CA THR C 143 11.48 -17.66 27.47
C THR C 143 12.11 -19.05 27.70
N LYS C 144 11.47 -20.09 27.17
CA LYS C 144 12.05 -21.45 27.10
C LYS C 144 12.99 -21.61 25.87
N GLY C 145 14.11 -22.33 26.01
CA GLY C 145 14.92 -22.70 24.83
C GLY C 145 14.11 -23.61 23.91
N PRO C 146 14.62 -23.93 22.71
CA PRO C 146 13.92 -24.93 21.88
C PRO C 146 14.63 -26.31 21.77
N SER C 147 13.87 -27.41 21.69
CA SER C 147 14.47 -28.71 21.36
C SER C 147 14.46 -28.92 19.85
N VAL C 148 15.59 -29.27 19.26
CA VAL C 148 15.62 -29.54 17.81
C VAL C 148 15.78 -31.03 17.46
N PHE C 149 14.68 -31.66 17.03
CA PHE C 149 14.69 -33.09 16.69
C PHE C 149 14.81 -33.34 15.18
N PRO C 150 15.71 -34.25 14.76
CA PRO C 150 15.86 -34.54 13.33
C PRO C 150 14.75 -35.44 12.81
N LEU C 151 14.31 -35.19 11.58
CA LEU C 151 13.41 -36.09 10.87
C LEU C 151 14.17 -36.72 9.72
N ALA C 152 14.38 -38.04 9.82
CA ALA C 152 15.10 -38.80 8.82
C ALA C 152 14.33 -40.07 8.49
N PRO C 153 14.47 -40.57 7.25
CA PRO C 153 13.88 -41.86 6.88
C PRO C 153 14.63 -43.03 7.51
N THR C 162 13.55 -36.40 -4.62
CA THR C 162 13.48 -37.84 -4.39
C THR C 162 13.67 -38.26 -2.88
N ALA C 163 14.13 -37.36 -2.00
CA ALA C 163 14.09 -37.64 -0.54
C ALA C 163 13.81 -36.38 0.29
N ALA C 164 12.77 -36.41 1.12
CA ALA C 164 12.46 -35.32 2.03
C ALA C 164 13.07 -35.53 3.44
N LEU C 165 13.78 -34.51 3.91
CA LEU C 165 14.31 -34.49 5.28
C LEU C 165 13.55 -33.49 6.16
N GLY C 166 14.04 -33.25 7.36
CA GLY C 166 13.25 -32.48 8.30
C GLY C 166 13.83 -32.22 9.67
N CYS C 167 13.35 -31.13 10.26
CA CYS C 167 13.61 -30.74 11.63
C CYS C 167 12.28 -30.45 12.29
N LEU C 168 12.17 -30.85 13.55
CA LEU C 168 11.00 -30.53 14.33
C LEU C 168 11.49 -29.67 15.45
N VAL C 169 11.11 -28.40 15.43
CA VAL C 169 11.54 -27.46 16.47
C VAL C 169 10.45 -27.44 17.54
N LYS C 170 10.73 -27.97 18.73
CA LYS C 170 9.65 -28.20 19.69
C LYS C 170 9.74 -27.42 21.01
N ASP C 171 8.58 -26.91 21.43
CA ASP C 171 8.39 -26.27 22.71
C ASP C 171 9.27 -25.03 22.95
N TYR C 172 9.06 -23.96 22.19
CA TYR C 172 9.80 -22.73 22.46
C TYR C 172 8.86 -21.58 22.78
N PHE C 173 9.45 -20.48 23.21
CA PHE C 173 8.73 -19.23 23.52
C PHE C 173 9.76 -18.14 23.81
N PRO C 174 9.55 -16.93 23.27
CA PRO C 174 8.46 -16.54 22.38
C PRO C 174 8.71 -16.94 20.92
N GLU C 175 7.97 -16.33 20.00
CA GLU C 175 8.33 -16.36 18.59
C GLU C 175 9.28 -15.22 18.29
N PRO C 176 10.03 -15.30 17.18
CA PRO C 176 10.13 -16.44 16.25
C PRO C 176 11.38 -17.29 16.43
N VAL C 177 11.37 -18.45 15.77
CA VAL C 177 12.59 -19.15 15.39
C VAL C 177 12.82 -18.90 13.87
N THR C 178 14.04 -19.16 13.39
CA THR C 178 14.36 -19.02 11.97
C THR C 178 15.23 -20.17 11.42
N VAL C 179 14.65 -21.06 10.61
CA VAL C 179 15.42 -22.21 10.12
C VAL C 179 15.86 -22.11 8.64
N SER C 180 17.14 -22.41 8.44
CA SER C 180 17.80 -22.43 7.16
C SER C 180 18.52 -23.77 7.08
N TRP C 181 19.15 -24.10 5.95
CA TRP C 181 19.89 -25.33 5.79
C TRP C 181 21.30 -25.09 5.24
N GLY C 182 21.78 -23.89 5.49
CA GLY C 182 23.12 -23.37 5.28
C GLY C 182 23.16 -21.96 4.66
N SER C 183 22.54 -21.68 3.53
CA SER C 183 21.77 -22.61 2.70
C SER C 183 22.24 -23.24 1.32
N GLY C 184 21.30 -23.74 0.53
CA GLY C 184 19.91 -23.49 0.76
C GLY C 184 19.04 -24.64 0.50
N ALA C 185 17.91 -24.37 -0.15
CA ALA C 185 17.36 -23.03 -0.46
C ALA C 185 16.03 -23.27 -1.14
N SER C 186 15.99 -24.32 -1.97
CA SER C 186 14.79 -24.70 -2.73
C SER C 186 14.29 -26.08 -2.32
N GLY C 187 12.98 -26.27 -2.37
CA GLY C 187 12.37 -27.51 -1.92
C GLY C 187 12.10 -27.48 -0.43
N VAL C 188 12.41 -26.35 0.19
CA VAL C 188 12.26 -26.19 1.62
C VAL C 188 10.88 -25.68 1.99
N HIS C 189 10.23 -26.31 2.96
CA HIS C 189 9.00 -25.78 3.53
C HIS C 189 9.13 -25.61 5.06
N THR C 190 9.46 -24.39 5.49
CA THR C 190 9.40 -24.01 6.91
C THR C 190 7.96 -23.64 7.26
N PHE C 191 7.32 -24.41 8.13
CA PHE C 191 5.91 -24.21 8.41
C PHE C 191 5.70 -23.15 9.50
N PRO C 192 4.46 -22.64 9.64
CA PRO C 192 4.16 -21.66 10.67
C PRO C 192 3.99 -22.34 12.02
N ALA C 193 4.50 -21.72 13.09
CA ALA C 193 4.47 -22.33 14.42
C ALA C 193 3.05 -22.66 14.85
N VAL C 194 2.93 -23.65 15.70
CA VAL C 194 1.62 -24.02 16.25
C VAL C 194 1.82 -24.15 17.77
N LEU C 195 0.73 -24.26 18.54
CA LEU C 195 0.85 -24.26 19.99
C LEU C 195 0.96 -25.66 20.57
N LEU C 200 3.43 -23.60 24.98
CA LEU C 200 4.59 -23.43 24.10
C LEU C 200 4.39 -23.57 22.55
N TYR C 201 5.37 -23.09 21.79
CA TYR C 201 5.33 -23.14 20.31
C TYR C 201 6.12 -24.30 19.71
N SER C 202 5.73 -24.71 18.49
CA SER C 202 6.40 -25.81 17.80
C SER C 202 6.18 -25.77 16.25
N LEU C 203 7.26 -25.72 15.47
CA LEU C 203 7.14 -25.85 13.99
C LEU C 203 7.96 -26.99 13.36
N SER C 204 7.60 -27.32 12.13
CA SER C 204 8.27 -28.30 11.28
C SER C 204 9.10 -27.60 10.20
N SER C 205 9.99 -28.32 9.53
CA SER C 205 10.63 -27.80 8.32
C SER C 205 11.15 -28.92 7.43
N VAL C 206 10.60 -29.05 6.22
CA VAL C 206 11.01 -30.10 5.29
C VAL C 206 11.99 -29.56 4.27
N VAL C 207 13.06 -30.29 4.03
CA VAL C 207 13.85 -30.03 2.82
C VAL C 207 13.82 -31.30 1.99
N THR C 208 13.78 -31.16 0.66
CA THR C 208 13.89 -32.36 -0.17
C THR C 208 14.96 -32.19 -1.25
N VAL C 209 15.60 -33.30 -1.59
CA VAL C 209 16.87 -33.31 -2.30
C VAL C 209 16.97 -34.57 -3.14
N PRO C 210 17.85 -34.56 -4.18
CA PRO C 210 17.94 -35.78 -4.97
C PRO C 210 18.54 -36.92 -4.13
N SER C 211 17.95 -38.11 -4.25
CA SER C 211 18.36 -39.29 -3.50
C SER C 211 19.86 -39.57 -3.56
N SER C 212 20.46 -39.33 -4.71
CA SER C 212 21.91 -39.52 -4.86
C SER C 212 22.72 -38.67 -3.88
N SER C 213 22.07 -37.80 -3.11
CA SER C 213 22.77 -36.83 -2.25
C SER C 213 22.81 -37.19 -0.74
N LEU C 214 22.35 -38.39 -0.38
CA LEU C 214 22.40 -38.94 1.00
C LEU C 214 23.82 -39.14 1.58
N GLY C 215 24.83 -39.00 0.72
CA GLY C 215 26.23 -39.05 1.12
C GLY C 215 26.79 -37.66 1.40
N GLN C 216 26.03 -36.64 1.04
CA GLN C 216 26.36 -35.26 1.37
C GLN C 216 25.59 -34.84 2.61
N THR C 217 26.21 -33.99 3.43
CA THR C 217 25.63 -33.52 4.70
C THR C 217 24.48 -32.54 4.49
N TYR C 218 23.31 -32.85 5.06
CA TYR C 218 22.20 -31.88 5.13
C TYR C 218 21.93 -31.53 6.62
N ILE C 219 22.16 -30.27 6.98
CA ILE C 219 21.95 -29.82 8.36
C ILE C 219 20.91 -28.70 8.46
N CYS C 220 19.99 -28.80 9.40
CA CYS C 220 18.98 -27.77 9.61
C CYS C 220 19.45 -26.80 10.69
N ASN C 221 19.45 -25.50 10.38
CA ASN C 221 19.97 -24.49 11.31
C ASN C 221 18.89 -23.67 11.98
N VAL C 222 18.55 -24.03 13.21
CA VAL C 222 17.57 -23.28 13.97
C VAL C 222 18.27 -22.13 14.70
N ASN C 223 17.56 -21.03 14.86
CA ASN C 223 17.98 -19.94 15.74
C ASN C 223 16.76 -19.40 16.49
N HIS C 224 16.85 -19.38 17.82
CA HIS C 224 15.83 -18.72 18.62
C HIS C 224 16.43 -17.50 19.29
N LYS C 225 16.26 -16.36 18.61
CA LYS C 225 16.89 -15.11 19.00
C LYS C 225 16.75 -14.71 20.51
N PRO C 226 15.61 -15.05 21.15
CA PRO C 226 15.24 -14.68 22.53
C PRO C 226 15.89 -15.53 23.65
N SER C 227 16.50 -16.66 23.29
CA SER C 227 17.07 -17.60 24.24
C SER C 227 18.57 -17.70 23.96
N ASN C 228 19.02 -16.61 23.33
CA ASN C 228 20.29 -16.54 22.59
C ASN C 228 20.88 -17.90 22.18
N THR C 229 19.99 -18.82 21.78
CA THR C 229 20.28 -20.21 21.35
C THR C 229 20.39 -20.38 19.82
N LYS C 230 21.37 -21.16 19.37
CA LYS C 230 21.48 -21.53 17.95
C LYS C 230 21.89 -22.98 17.82
N VAL C 231 21.10 -23.77 17.10
CA VAL C 231 21.32 -25.22 16.97
C VAL C 231 21.48 -25.61 15.51
N ASP C 232 22.54 -26.31 15.15
CA ASP C 232 22.67 -26.75 13.75
C ASP C 232 22.73 -28.29 13.62
N LYS C 233 21.57 -28.93 13.61
CA LYS C 233 21.48 -30.40 13.70
C LYS C 233 21.68 -31.19 12.41
N LYS C 234 22.79 -31.93 12.29
CA LYS C 234 23.05 -32.77 11.12
C LYS C 234 21.96 -33.83 11.00
N VAL C 235 21.39 -34.01 9.82
CA VAL C 235 20.40 -35.08 9.69
C VAL C 235 21.06 -36.36 9.17
N GLU C 236 21.14 -37.36 10.05
CA GLU C 236 21.79 -38.64 9.79
C GLU C 236 20.75 -39.77 9.89
N PRO C 237 21.00 -40.92 9.22
CA PRO C 237 20.10 -42.07 9.36
C PRO C 237 20.50 -43.06 10.47
N GLN D 5 33.97 -0.01 -18.94
CA GLN D 5 32.72 -0.41 -19.58
C GLN D 5 32.60 -1.94 -19.69
N TYR D 6 31.35 -2.41 -19.74
CA TYR D 6 31.07 -3.84 -19.92
C TYR D 6 31.64 -4.28 -21.26
N PRO D 7 31.99 -5.56 -21.40
CA PRO D 7 32.60 -6.01 -22.66
C PRO D 7 31.62 -6.00 -23.84
N ILE D 8 32.12 -5.72 -25.04
CA ILE D 8 31.24 -5.61 -26.21
C ILE D 8 31.56 -6.67 -27.28
N ILE D 9 30.52 -7.18 -27.93
CA ILE D 9 30.66 -8.20 -28.95
C ILE D 9 30.00 -7.78 -30.26
N ASN D 10 30.77 -7.82 -31.34
CA ASN D 10 30.31 -7.32 -32.64
C ASN D 10 29.73 -8.36 -33.56
N PHE D 11 28.68 -7.95 -34.27
CA PHE D 11 28.07 -8.74 -35.32
C PHE D 11 27.37 -7.89 -36.38
N THR D 12 27.71 -8.13 -37.64
CA THR D 12 26.95 -7.54 -38.74
C THR D 12 26.09 -8.60 -39.39
N THR D 13 24.93 -8.19 -39.87
CA THR D 13 24.11 -9.05 -40.70
C THR D 13 24.59 -8.90 -42.17
N ALA D 14 25.28 -7.80 -42.44
CA ALA D 14 25.79 -7.50 -43.77
C ALA D 14 26.93 -8.42 -44.17
N GLY D 15 26.59 -9.42 -44.98
CA GLY D 15 27.56 -10.35 -45.51
C GLY D 15 27.69 -11.52 -44.56
N ALA D 16 26.75 -11.59 -43.62
CA ALA D 16 26.72 -12.64 -42.64
C ALA D 16 26.81 -14.01 -43.27
N THR D 17 27.58 -14.89 -42.66
CA THR D 17 27.68 -16.27 -43.09
C THR D 17 27.42 -17.18 -41.91
N VAL D 18 27.42 -18.48 -42.16
CA VAL D 18 27.35 -19.46 -41.09
C VAL D 18 28.52 -19.24 -40.12
N GLN D 19 29.68 -18.93 -40.70
CA GLN D 19 30.90 -18.73 -39.94
C GLN D 19 30.84 -17.40 -39.18
N SER D 20 30.40 -16.33 -39.84
CA SER D 20 30.28 -15.01 -39.18
C SER D 20 29.38 -15.08 -37.96
N TYR D 21 28.36 -15.92 -38.05
CA TYR D 21 27.35 -16.03 -37.02
C TYR D 21 27.78 -16.93 -35.85
N THR D 22 28.27 -18.12 -36.18
CA THR D 22 28.75 -19.07 -35.18
C THR D 22 29.83 -18.48 -34.29
N ASN D 23 30.79 -17.80 -34.92
CA ASN D 23 31.88 -17.18 -34.18
C ASN D 23 31.30 -16.16 -33.21
N PHE D 24 30.34 -15.38 -33.71
CA PHE D 24 29.64 -14.41 -32.90
C PHE D 24 28.94 -15.07 -31.68
N ILE D 25 28.14 -16.11 -31.92
CA ILE D 25 27.42 -16.74 -30.83
C ILE D 25 28.40 -17.36 -29.84
N ARG D 26 29.45 -17.98 -30.38
CA ARG D 26 30.46 -18.57 -29.52
C ARG D 26 31.18 -17.47 -28.71
N ALA D 27 31.33 -16.28 -29.29
CA ALA D 27 31.92 -15.15 -28.56
C ALA D 27 31.02 -14.68 -27.44
N VAL D 28 29.71 -14.73 -27.66
CA VAL D 28 28.74 -14.31 -26.66
C VAL D 28 28.74 -15.28 -25.49
N ARG D 29 28.77 -16.57 -25.78
CA ARG D 29 28.88 -17.60 -24.77
C ARG D 29 30.16 -17.44 -23.94
N GLY D 30 31.26 -17.13 -24.63
CA GLY D 30 32.54 -16.99 -23.97
C GLY D 30 32.51 -15.91 -22.91
N ARG D 31 31.71 -14.87 -23.11
CA ARG D 31 31.64 -13.78 -22.16
C ARG D 31 30.43 -13.87 -21.22
N LEU D 32 29.56 -14.85 -21.42
CA LEU D 32 28.43 -15.03 -20.54
C LEU D 32 28.90 -15.78 -19.31
N THR D 33 29.80 -16.75 -19.53
CA THR D 33 30.34 -17.56 -18.45
C THR D 33 31.83 -17.79 -18.62
N THR D 34 32.50 -18.04 -17.50
CA THR D 34 33.94 -18.27 -17.50
C THR D 34 34.29 -19.72 -17.82
N GLY D 35 33.32 -20.61 -17.64
CA GLY D 35 33.52 -22.04 -17.84
C GLY D 35 34.15 -22.71 -16.62
N ALA D 36 33.97 -22.12 -15.45
CA ALA D 36 34.51 -22.70 -14.22
C ALA D 36 33.54 -23.67 -13.56
N ASP D 37 32.25 -23.37 -13.69
CA ASP D 37 31.18 -24.21 -13.14
C ASP D 37 30.58 -25.06 -14.26
N VAL D 38 31.00 -26.32 -14.35
CA VAL D 38 30.50 -27.20 -15.39
C VAL D 38 29.92 -28.46 -14.81
N ARG D 39 28.62 -28.63 -14.96
CA ARG D 39 27.92 -29.83 -14.52
C ARG D 39 27.58 -30.65 -15.73
N HIS D 40 27.95 -31.92 -15.71
CA HIS D 40 27.62 -32.86 -16.76
C HIS D 40 28.00 -32.36 -18.13
N GLU D 41 29.15 -31.69 -18.24
CA GLU D 41 29.68 -31.10 -19.50
C GLU D 41 28.95 -29.86 -20.02
N ILE D 42 27.90 -29.44 -19.34
CA ILE D 42 27.17 -28.22 -19.71
C ILE D 42 27.49 -27.08 -18.74
N PRO D 43 28.00 -25.97 -19.29
CA PRO D 43 28.34 -24.78 -18.50
C PRO D 43 27.16 -24.19 -17.76
N VAL D 44 27.45 -23.46 -16.69
CA VAL D 44 26.44 -22.85 -15.84
C VAL D 44 26.72 -21.36 -15.79
N LEU D 45 25.67 -20.55 -15.84
CA LEU D 45 25.85 -19.11 -15.79
C LEU D 45 26.17 -18.66 -14.37
N PRO D 46 26.82 -17.50 -14.22
CA PRO D 46 27.14 -17.02 -12.87
C PRO D 46 25.91 -16.88 -12.00
N ASN D 47 26.14 -17.13 -10.72
CA ASN D 47 25.14 -16.95 -9.67
C ASN D 47 24.94 -15.45 -9.40
N ARG D 48 23.68 -15.04 -9.36
CA ARG D 48 23.33 -13.64 -9.14
C ARG D 48 23.87 -13.13 -7.80
N VAL D 49 23.89 -14.03 -6.81
CA VAL D 49 24.35 -13.71 -5.45
C VAL D 49 25.88 -13.58 -5.39
N GLY D 50 26.34 -12.39 -5.03
CA GLY D 50 27.76 -12.19 -4.87
C GLY D 50 28.40 -11.69 -6.15
N LEU D 51 27.60 -11.53 -7.20
CA LEU D 51 28.13 -11.07 -8.47
C LEU D 51 28.26 -9.56 -8.45
N PRO D 52 29.50 -9.05 -8.58
CA PRO D 52 29.78 -7.61 -8.67
C PRO D 52 29.08 -6.96 -9.90
N ILE D 53 28.51 -5.77 -9.70
CA ILE D 53 27.73 -5.10 -10.75
C ILE D 53 28.51 -4.87 -12.05
N ASN D 54 29.82 -4.68 -11.99
CA ASN D 54 30.59 -4.40 -13.19
C ASN D 54 30.82 -5.66 -14.02
N GLN D 55 30.26 -6.77 -13.55
CA GLN D 55 30.31 -8.03 -14.28
C GLN D 55 28.91 -8.57 -14.53
N ARG D 56 27.92 -7.68 -14.46
CA ARG D 56 26.52 -8.09 -14.51
C ARG D 56 26.00 -8.19 -15.94
N PHE D 57 26.49 -7.32 -16.81
CA PHE D 57 25.97 -7.25 -18.17
C PHE D 57 27.08 -7.40 -19.22
N ILE D 58 26.73 -7.90 -20.40
CA ILE D 58 27.59 -7.79 -21.58
C ILE D 58 26.85 -7.04 -22.67
N LEU D 59 27.59 -6.50 -23.64
CA LEU D 59 26.99 -5.66 -24.66
C LEU D 59 27.08 -6.32 -26.03
N VAL D 60 25.97 -6.32 -26.73
CA VAL D 60 25.97 -6.85 -28.07
C VAL D 60 25.70 -5.74 -29.08
N GLU D 61 26.72 -5.45 -29.88
CA GLU D 61 26.65 -4.38 -30.90
C GLU D 61 26.24 -4.98 -32.25
N LEU D 62 25.02 -4.64 -32.69
CA LEU D 62 24.54 -5.17 -33.94
C LEU D 62 24.61 -4.12 -35.04
N SER D 63 25.18 -4.48 -36.18
CA SER D 63 25.19 -3.63 -37.38
C SER D 63 24.50 -4.35 -38.53
N ASN D 64 24.06 -3.59 -39.53
CA ASN D 64 23.40 -4.20 -40.70
C ASN D 64 23.80 -3.57 -42.02
N HIS D 65 23.24 -4.10 -43.10
CA HIS D 65 23.57 -3.65 -44.45
C HIS D 65 23.15 -2.20 -44.65
N ALA D 66 22.11 -1.75 -43.95
CA ALA D 66 21.63 -0.38 -44.07
C ALA D 66 22.55 0.59 -43.34
N GLU D 67 23.74 0.10 -42.96
CA GLU D 67 24.77 0.88 -42.24
C GLU D 67 24.25 1.44 -40.88
N LEU D 68 23.34 0.68 -40.26
CA LEU D 68 22.79 1.06 -38.97
C LEU D 68 23.31 0.17 -37.84
N SER D 69 23.33 0.72 -36.63
CA SER D 69 23.90 0.02 -35.48
C SER D 69 23.15 0.25 -34.17
N VAL D 70 22.77 -0.84 -33.50
CA VAL D 70 22.24 -0.76 -32.14
C VAL D 70 23.09 -1.60 -31.23
N THR D 71 23.06 -1.26 -29.94
CA THR D 71 23.75 -2.03 -28.90
C THR D 71 22.74 -2.59 -27.92
N LEU D 72 22.65 -3.91 -27.84
CA LEU D 72 21.80 -4.59 -26.85
C LEU D 72 22.58 -4.87 -25.58
N ALA D 73 21.90 -4.91 -24.44
CA ALA D 73 22.58 -5.28 -23.19
C ALA D 73 22.01 -6.60 -22.66
N LEU D 74 22.88 -7.57 -22.42
CA LEU D 74 22.45 -8.89 -21.94
C LEU D 74 22.86 -9.12 -20.47
N ASP D 75 21.94 -9.70 -19.71
CA ASP D 75 22.15 -10.05 -18.31
C ASP D 75 22.84 -11.41 -18.21
N VAL D 76 24.08 -11.44 -17.73
CA VAL D 76 24.87 -12.68 -17.59
C VAL D 76 24.16 -13.75 -16.76
N THR D 77 23.21 -13.34 -15.91
CA THR D 77 22.49 -14.30 -15.10
C THR D 77 21.45 -15.06 -15.97
N ASN D 78 20.82 -14.36 -16.90
CA ASN D 78 19.71 -14.92 -17.67
C ASN D 78 20.15 -15.23 -19.10
N ALA D 79 21.20 -14.52 -19.53
CA ALA D 79 21.68 -14.47 -20.93
C ALA D 79 20.63 -13.78 -21.80
N TYR D 80 19.70 -13.08 -21.16
CA TYR D 80 18.56 -12.42 -21.80
C TYR D 80 18.78 -10.94 -22.05
N VAL D 81 18.02 -10.39 -22.99
CA VAL D 81 18.13 -8.97 -23.29
C VAL D 81 17.43 -8.15 -22.20
N VAL D 82 18.09 -7.11 -21.70
CA VAL D 82 17.43 -6.28 -20.70
C VAL D 82 16.99 -4.96 -21.31
N GLY D 83 17.65 -4.56 -22.40
CA GLY D 83 17.34 -3.31 -23.06
C GLY D 83 18.35 -3.10 -24.17
N TYR D 84 18.32 -1.92 -24.77
CA TYR D 84 19.27 -1.61 -25.84
C TYR D 84 19.59 -0.13 -25.96
N ARG D 85 20.63 0.19 -26.71
CA ARG D 85 21.00 1.57 -26.97
C ARG D 85 20.96 1.86 -28.49
N ALA D 86 20.56 3.08 -28.86
CA ALA D 86 20.57 3.46 -30.27
C ALA D 86 20.81 4.95 -30.41
N GLY D 87 22.07 5.32 -30.54
CA GLY D 87 22.47 6.71 -30.67
C GLY D 87 22.56 7.44 -29.34
N ASN D 88 21.57 8.26 -29.03
CA ASN D 88 21.56 9.03 -27.80
C ASN D 88 20.41 8.66 -26.89
N SER D 89 19.80 7.50 -27.15
CA SER D 89 18.66 7.05 -26.35
C SER D 89 18.82 5.58 -25.98
N ALA D 90 18.45 5.29 -24.73
CA ALA D 90 18.47 3.92 -24.20
C ALA D 90 17.09 3.54 -23.70
N TYR D 91 16.65 2.35 -24.09
CA TYR D 91 15.34 1.85 -23.71
C TYR D 91 15.53 0.57 -22.89
N PHE D 92 14.67 0.37 -21.91
CA PHE D 92 14.79 -0.79 -21.02
C PHE D 92 13.45 -1.48 -20.83
N PHE D 93 13.47 -2.81 -20.76
CA PHE D 93 12.27 -3.55 -20.42
C PHE D 93 11.89 -3.23 -18.99
N HIS D 94 10.60 -3.21 -18.70
CA HIS D 94 10.16 -3.09 -17.34
C HIS D 94 10.70 -4.27 -16.54
N PRO D 95 11.50 -3.97 -15.50
CA PRO D 95 12.16 -5.00 -14.69
C PRO D 95 11.23 -5.63 -13.65
N ASP D 96 11.35 -6.94 -13.44
CA ASP D 96 10.42 -7.67 -12.58
C ASP D 96 10.69 -7.49 -11.10
N ASN D 97 11.87 -7.00 -10.74
CA ASN D 97 12.14 -6.75 -9.32
C ASN D 97 13.07 -5.57 -9.12
N GLN D 98 13.25 -5.20 -7.87
CA GLN D 98 13.93 -3.97 -7.54
C GLN D 98 15.46 -4.09 -7.62
N GLU D 99 15.97 -5.30 -7.53
CA GLU D 99 17.40 -5.49 -7.70
C GLU D 99 17.74 -5.23 -9.16
N ASP D 100 16.91 -5.77 -10.04
CA ASP D 100 17.13 -5.61 -11.45
C ASP D 100 16.91 -4.15 -11.86
N ALA D 101 15.91 -3.50 -11.29
CA ALA D 101 15.61 -2.09 -11.57
C ALA D 101 16.80 -1.18 -11.29
N GLU D 102 17.60 -1.49 -10.26
CA GLU D 102 18.75 -0.66 -9.93
C GLU D 102 19.93 -0.97 -10.84
N ALA D 103 20.12 -2.23 -11.19
CA ALA D 103 21.27 -2.61 -12.02
C ALA D 103 21.24 -1.96 -13.42
N ILE D 104 20.07 -1.83 -14.04
CA ILE D 104 20.03 -1.26 -15.39
C ILE D 104 20.40 0.23 -15.37
N THR D 105 20.36 0.83 -14.19
CA THR D 105 20.83 2.21 -14.04
C THR D 105 22.36 2.28 -14.15
N HIS D 106 23.03 1.13 -14.17
CA HIS D 106 24.47 1.08 -14.36
C HIS D 106 24.81 0.89 -15.84
N LEU D 107 23.78 0.79 -16.68
CA LEU D 107 24.00 0.56 -18.11
C LEU D 107 23.85 1.87 -18.87
N PHE D 108 24.71 2.06 -19.87
CA PHE D 108 24.68 3.23 -20.74
C PHE D 108 24.55 4.52 -19.94
N THR D 109 25.36 4.66 -18.89
CA THR D 109 25.19 5.79 -17.97
C THR D 109 25.27 7.16 -18.67
N ASP D 110 25.96 7.23 -19.80
CA ASP D 110 26.21 8.53 -20.40
C ASP D 110 25.26 8.89 -21.54
N VAL D 111 24.22 8.10 -21.80
CA VAL D 111 23.28 8.49 -22.84
C VAL D 111 22.47 9.67 -22.32
N GLN D 112 22.00 10.50 -23.24
CA GLN D 112 21.20 11.65 -22.87
C GLN D 112 19.79 11.20 -22.48
N ASN D 113 19.25 10.23 -23.22
CA ASN D 113 17.87 9.85 -23.02
C ASN D 113 17.74 8.40 -22.55
N ARG D 114 17.11 8.22 -21.38
CA ARG D 114 16.87 6.89 -20.82
C ARG D 114 15.38 6.68 -20.58
N TYR D 115 14.87 5.53 -20.97
CA TYR D 115 13.45 5.24 -20.78
C TYR D 115 13.20 3.84 -20.29
N THR D 116 12.02 3.63 -19.71
CA THR D 116 11.61 2.28 -19.37
C THR D 116 10.22 1.99 -19.88
N PHE D 117 10.14 1.03 -20.79
CA PHE D 117 8.86 0.53 -21.28
C PHE D 117 8.01 0.03 -20.15
N ALA D 118 6.70 0.11 -20.31
CA ALA D 118 5.80 -0.36 -19.27
C ALA D 118 5.76 -1.89 -19.22
N PHE D 119 6.21 -2.49 -20.31
CA PHE D 119 6.06 -3.92 -20.49
C PHE D 119 7.39 -4.65 -20.28
N GLY D 120 7.31 -5.85 -19.71
CA GLY D 120 8.49 -6.68 -19.52
C GLY D 120 9.00 -7.22 -20.84
N GLY D 121 9.98 -8.10 -20.78
CA GLY D 121 10.59 -8.62 -21.98
C GLY D 121 10.33 -10.10 -22.21
N ASN D 122 9.38 -10.67 -21.47
CA ASN D 122 8.98 -12.04 -21.76
C ASN D 122 8.19 -12.13 -23.08
N TYR D 123 8.28 -13.28 -23.73
CA TYR D 123 7.59 -13.54 -24.99
C TYR D 123 6.08 -13.32 -24.89
N ASP D 124 5.45 -13.80 -23.81
CA ASP D 124 4.00 -13.68 -23.62
C ASP D 124 3.50 -12.25 -23.85
N ARG D 125 4.16 -11.29 -23.21
CA ARG D 125 3.74 -9.91 -23.33
C ARG D 125 4.10 -9.39 -24.73
N LEU D 126 5.31 -9.70 -25.19
CA LEU D 126 5.78 -9.21 -26.47
C LEU D 126 4.96 -9.76 -27.65
N GLU D 127 4.61 -11.04 -27.60
CA GLU D 127 3.75 -11.65 -28.61
C GLU D 127 2.44 -10.86 -28.73
N GLN D 128 1.90 -10.48 -27.59
CA GLN D 128 0.68 -9.70 -27.57
C GLN D 128 0.89 -8.37 -28.27
N LEU D 129 1.96 -7.67 -27.89
CA LEU D 129 2.24 -6.37 -28.45
C LEU D 129 2.65 -6.50 -29.92
N ALA D 130 2.92 -7.71 -30.40
CA ALA D 130 3.35 -7.88 -31.79
C ALA D 130 2.18 -8.27 -32.70
N GLY D 131 1.12 -8.81 -32.10
CA GLY D 131 -0.03 -9.24 -32.86
C GLY D 131 0.16 -10.64 -33.39
N ASN D 132 1.43 -11.03 -33.57
CA ASN D 132 1.79 -12.38 -33.96
C ASN D 132 2.31 -13.17 -32.76
N LEU D 133 2.36 -14.49 -32.88
CA LEU D 133 3.04 -15.33 -31.88
C LEU D 133 4.39 -15.76 -32.42
N ARG D 134 5.23 -16.30 -31.54
CA ARG D 134 6.56 -16.77 -31.93
C ARG D 134 6.53 -17.69 -33.16
N GLU D 135 5.51 -18.52 -33.26
CA GLU D 135 5.42 -19.49 -34.36
C GLU D 135 4.93 -18.83 -35.64
N ASN D 136 4.61 -17.54 -35.57
CA ASN D 136 4.18 -16.81 -36.75
C ASN D 136 5.20 -15.77 -37.14
N ILE D 137 6.21 -15.60 -36.29
CA ILE D 137 7.19 -14.56 -36.52
C ILE D 137 8.46 -15.16 -37.07
N GLU D 138 8.74 -14.86 -38.34
CA GLU D 138 9.88 -15.43 -39.05
C GLU D 138 11.22 -15.02 -38.42
N LEU D 139 12.20 -15.91 -38.50
CA LEU D 139 13.52 -15.61 -38.02
C LEU D 139 14.52 -15.82 -39.14
N GLY D 140 15.58 -15.03 -39.13
CA GLY D 140 16.65 -15.22 -40.10
C GLY D 140 17.46 -13.97 -40.26
N ASN D 141 18.55 -14.05 -41.00
CA ASN D 141 19.37 -12.87 -41.25
C ASN D 141 18.59 -11.76 -41.96
N GLY D 142 17.51 -12.14 -42.65
CA GLY D 142 16.62 -11.14 -43.17
C GLY D 142 15.95 -10.38 -42.07
N PRO D 143 15.01 -11.03 -41.37
CA PRO D 143 14.28 -10.45 -40.22
C PRO D 143 15.18 -9.76 -39.19
N LEU D 144 16.41 -10.25 -39.04
CA LEU D 144 17.31 -9.58 -38.10
C LEU D 144 17.75 -8.20 -38.61
N GLU D 145 18.16 -8.15 -39.87
CA GLU D 145 18.48 -6.88 -40.54
C GLU D 145 17.37 -5.86 -40.36
N GLU D 146 16.14 -6.31 -40.59
CA GLU D 146 14.98 -5.46 -40.41
C GLU D 146 14.76 -5.16 -38.94
N ALA D 147 15.06 -6.13 -38.07
CA ALA D 147 14.89 -5.92 -36.64
C ALA D 147 15.86 -4.86 -36.12
N ILE D 148 17.07 -4.86 -36.66
CA ILE D 148 18.10 -3.89 -36.28
C ILE D 148 17.72 -2.46 -36.68
N SER D 149 17.05 -2.34 -37.83
CA SER D 149 16.64 -1.01 -38.29
C SER D 149 15.46 -0.52 -37.46
N ALA D 150 14.54 -1.42 -37.10
CA ALA D 150 13.35 -0.99 -36.38
C ALA D 150 13.76 -0.42 -35.04
N LEU D 151 14.68 -1.11 -34.36
CA LEU D 151 15.16 -0.66 -33.06
C LEU D 151 15.86 0.69 -33.18
N TYR D 152 16.69 0.82 -34.20
CA TYR D 152 17.39 2.07 -34.44
C TYR D 152 16.43 3.24 -34.65
N TYR D 153 15.36 3.01 -35.42
CA TYR D 153 14.45 4.07 -35.79
C TYR D 153 13.36 4.33 -34.74
N TYR D 154 13.29 3.51 -33.68
CA TYR D 154 12.32 3.77 -32.61
C TYR D 154 12.62 5.08 -31.91
N SER D 155 13.91 5.35 -31.73
CA SER D 155 14.37 6.57 -31.07
C SER D 155 13.81 7.80 -31.75
N THR D 156 13.62 7.69 -33.07
CA THR D 156 13.17 8.80 -33.90
C THR D 156 11.71 8.65 -34.35
N GLY D 157 10.82 8.26 -33.44
CA GLY D 157 9.39 8.16 -33.73
C GLY D 157 8.93 7.33 -34.94
N GLY D 158 9.85 6.84 -35.74
CA GLY D 158 9.54 6.13 -36.96
C GLY D 158 9.15 4.66 -36.90
N THR D 159 9.08 4.09 -35.70
CA THR D 159 8.79 2.67 -35.51
C THR D 159 7.60 2.52 -34.60
N GLN D 160 6.56 1.83 -35.08
CA GLN D 160 5.34 1.69 -34.32
C GLN D 160 5.58 0.59 -33.29
N LEU D 161 4.78 0.56 -32.24
CA LEU D 161 5.05 -0.35 -31.12
C LEU D 161 5.15 -1.84 -31.49
N PRO D 162 4.14 -2.38 -32.19
CA PRO D 162 4.21 -3.83 -32.44
C PRO D 162 5.43 -4.28 -33.20
N THR D 163 5.91 -3.45 -34.12
CA THR D 163 7.06 -3.85 -34.92
C THR D 163 8.31 -3.84 -34.04
N LEU D 164 8.33 -2.95 -33.05
CA LEU D 164 9.44 -2.89 -32.10
C LEU D 164 9.47 -4.19 -31.32
N ALA D 165 8.34 -4.49 -30.66
CA ALA D 165 8.16 -5.72 -29.91
C ALA D 165 8.44 -6.92 -30.80
N ARG D 166 8.06 -6.83 -32.07
CA ARG D 166 8.27 -7.94 -32.98
C ARG D 166 9.76 -8.10 -33.19
N SER D 167 10.47 -6.98 -33.21
CA SER D 167 11.90 -7.01 -33.51
C SER D 167 12.71 -7.48 -32.29
N PHE D 168 12.14 -7.30 -31.11
CA PHE D 168 12.71 -7.85 -29.88
C PHE D 168 12.66 -9.40 -29.87
N ILE D 169 11.50 -9.97 -30.15
CA ILE D 169 11.32 -11.40 -30.30
C ILE D 169 12.34 -12.01 -31.28
N ILE D 170 12.73 -11.25 -32.29
CA ILE D 170 13.69 -11.74 -33.28
C ILE D 170 15.09 -11.71 -32.70
N CYS D 171 15.47 -10.57 -32.16
CA CYS D 171 16.78 -10.38 -31.54
C CYS D 171 16.99 -11.36 -30.41
N ILE D 172 16.01 -11.46 -29.52
CA ILE D 172 16.12 -12.36 -28.36
C ILE D 172 16.30 -13.82 -28.79
N GLN D 173 15.54 -14.31 -29.75
CA GLN D 173 15.66 -15.70 -30.18
C GLN D 173 16.97 -15.95 -30.92
N MET D 174 17.37 -14.99 -31.74
CA MET D 174 18.56 -15.18 -32.57
C MET D 174 19.85 -14.89 -31.80
N ILE D 175 19.76 -14.23 -30.65
CA ILE D 175 20.96 -13.98 -29.85
C ILE D 175 20.93 -14.80 -28.55
N SER D 176 20.04 -14.43 -27.64
CA SER D 176 19.94 -15.05 -26.33
C SER D 176 19.67 -16.54 -26.47
N GLU D 177 18.54 -16.91 -27.07
CA GLU D 177 18.20 -18.32 -27.10
C GLU D 177 19.23 -19.06 -27.96
N ALA D 178 19.83 -18.37 -28.92
CA ALA D 178 20.90 -19.00 -29.69
C ALA D 178 22.12 -19.21 -28.80
N ALA D 179 22.35 -18.28 -27.88
CA ALA D 179 23.45 -18.43 -26.95
C ALA D 179 23.16 -19.57 -25.97
N ARG D 180 21.90 -19.67 -25.55
CA ARG D 180 21.46 -20.71 -24.63
C ARG D 180 21.51 -22.11 -25.22
N PHE D 181 21.07 -22.29 -26.46
CA PHE D 181 21.01 -23.63 -27.03
C PHE D 181 21.83 -23.73 -28.30
N GLN D 182 22.58 -24.80 -28.49
CA GLN D 182 23.31 -24.97 -29.74
C GLN D 182 22.36 -25.43 -30.81
N TYR D 183 21.27 -26.03 -30.38
CA TYR D 183 20.24 -26.48 -31.27
C TYR D 183 19.65 -25.27 -32.01
N ILE D 184 19.23 -24.29 -31.23
CA ILE D 184 18.69 -23.06 -31.76
C ILE D 184 19.79 -22.33 -32.52
N GLU D 185 21.05 -22.44 -32.07
CA GLU D 185 22.15 -21.85 -32.83
C GLU D 185 22.22 -22.51 -34.19
N GLY D 186 22.03 -23.82 -34.19
CA GLY D 186 22.05 -24.55 -35.44
C GLY D 186 20.92 -24.14 -36.34
N GLU D 187 19.72 -24.01 -35.79
CA GLU D 187 18.54 -23.64 -36.55
C GLU D 187 18.70 -22.28 -37.23
N MET D 188 19.51 -21.41 -36.62
CA MET D 188 19.79 -20.13 -37.24
C MET D 188 20.91 -20.28 -38.26
N ARG D 189 21.82 -21.20 -37.99
CA ARG D 189 22.92 -21.42 -38.93
C ARG D 189 22.37 -21.85 -40.29
N THR D 190 21.42 -22.78 -40.26
CA THR D 190 20.81 -23.32 -41.48
C THR D 190 20.03 -22.25 -42.23
N ARG D 191 19.25 -21.45 -41.50
CA ARG D 191 18.53 -20.35 -42.13
C ARG D 191 19.44 -19.36 -42.87
N ILE D 192 20.67 -19.20 -42.40
CA ILE D 192 21.62 -18.31 -43.06
C ILE D 192 22.27 -19.04 -44.26
N ARG D 193 22.59 -20.33 -44.10
CA ARG D 193 23.23 -21.07 -45.19
C ARG D 193 22.32 -21.05 -46.40
N TYR D 194 21.12 -21.58 -46.26
CA TYR D 194 20.18 -21.66 -47.36
C TYR D 194 19.39 -20.34 -47.57
N ASN D 195 19.83 -19.25 -46.94
CA ASN D 195 19.24 -17.92 -47.18
C ASN D 195 17.73 -17.85 -46.88
N ARG D 196 17.27 -18.69 -45.97
CA ARG D 196 15.84 -18.79 -45.71
C ARG D 196 15.32 -17.70 -44.77
N ARG D 197 14.00 -17.67 -44.59
CA ARG D 197 13.38 -16.90 -43.53
C ARG D 197 12.08 -17.62 -43.12
N SER D 198 12.03 -18.04 -41.86
CA SER D 198 10.95 -18.88 -41.36
C SER D 198 10.77 -18.90 -39.86
N ALA D 199 9.53 -19.10 -39.44
CA ALA D 199 9.19 -19.17 -38.04
C ALA D 199 9.77 -20.44 -37.43
N PRO D 200 10.00 -20.40 -36.11
CA PRO D 200 10.45 -21.59 -35.38
C PRO D 200 9.37 -22.68 -35.33
N ASP D 201 9.76 -23.95 -35.43
CA ASP D 201 8.86 -25.08 -35.28
C ASP D 201 8.71 -25.35 -33.78
N PRO D 202 7.77 -26.24 -33.38
CA PRO D 202 7.60 -26.45 -31.93
C PRO D 202 8.83 -26.93 -31.14
N SER D 203 9.84 -27.51 -31.78
CA SER D 203 10.98 -27.96 -31.02
C SER D 203 11.73 -26.75 -30.44
N VAL D 204 11.96 -25.76 -31.29
CA VAL D 204 12.62 -24.53 -30.88
C VAL D 204 11.84 -23.82 -29.78
N ILE D 205 10.54 -23.63 -30.03
CA ILE D 205 9.66 -22.97 -29.08
C ILE D 205 9.64 -23.66 -27.71
N THR D 206 9.47 -24.98 -27.71
CA THR D 206 9.38 -25.75 -26.46
C THR D 206 10.67 -25.61 -25.68
N LEU D 207 11.81 -25.68 -26.36
CA LEU D 207 13.11 -25.48 -25.73
C LEU D 207 13.22 -24.10 -25.12
N GLU D 208 12.77 -23.09 -25.84
CA GLU D 208 12.84 -21.75 -25.28
C GLU D 208 12.06 -21.70 -24.00
N ASN D 209 10.87 -22.28 -24.02
CA ASN D 209 9.99 -22.25 -22.85
C ASN D 209 10.46 -23.09 -21.68
N SER D 210 11.37 -24.01 -21.94
CA SER D 210 11.71 -25.02 -20.98
C SER D 210 13.13 -24.91 -20.47
N TRP D 211 13.87 -23.90 -20.92
CA TRP D 211 15.27 -23.72 -20.49
C TRP D 211 15.41 -23.69 -18.98
N GLY D 212 14.51 -22.99 -18.29
CA GLY D 212 14.59 -22.92 -16.84
C GLY D 212 14.47 -24.29 -16.18
N ARG D 213 13.47 -25.07 -16.57
CA ARG D 213 13.22 -26.32 -15.87
C ARG D 213 14.20 -27.39 -16.32
N LEU D 214 14.69 -27.26 -17.54
CA LEU D 214 15.77 -28.12 -18.01
C LEU D 214 17.00 -27.82 -17.16
N SER D 215 17.30 -26.54 -16.95
CA SER D 215 18.40 -26.17 -16.07
C SER D 215 18.25 -26.76 -14.65
N THR D 216 17.03 -26.78 -14.14
CA THR D 216 16.78 -27.32 -12.82
C THR D 216 16.98 -28.83 -12.82
N ALA D 217 16.35 -29.52 -13.78
CA ALA D 217 16.40 -30.98 -13.82
C ALA D 217 17.82 -31.49 -14.00
N ILE D 218 18.64 -30.75 -14.74
CA ILE D 218 20.01 -31.16 -14.93
C ILE D 218 20.80 -30.95 -13.66
N GLN D 219 20.51 -29.88 -12.95
CA GLN D 219 21.30 -29.53 -11.79
C GLN D 219 20.84 -30.27 -10.52
N GLU D 220 19.55 -30.64 -10.49
CA GLU D 220 18.95 -31.39 -9.41
C GLU D 220 18.87 -32.87 -9.79
N SER D 221 19.73 -33.32 -10.70
CA SER D 221 19.65 -34.71 -11.18
C SER D 221 20.41 -35.72 -10.30
N ASN D 222 20.13 -37.00 -10.54
CA ASN D 222 20.84 -38.12 -9.91
C ASN D 222 21.87 -38.72 -10.88
N GLN D 223 23.14 -38.39 -10.68
CA GLN D 223 24.21 -38.86 -11.57
C GLN D 223 23.89 -38.66 -13.06
N GLY D 224 22.95 -37.76 -13.37
CA GLY D 224 22.58 -37.48 -14.73
C GLY D 224 21.11 -37.76 -15.05
N ALA D 225 20.49 -38.64 -14.26
CA ALA D 225 19.10 -39.01 -14.49
C ALA D 225 18.14 -37.99 -13.87
N PHE D 226 17.17 -37.52 -14.64
CA PHE D 226 16.20 -36.55 -14.12
C PHE D 226 15.27 -37.20 -13.10
N ALA D 227 14.96 -36.47 -12.04
CA ALA D 227 14.02 -36.93 -11.01
C ALA D 227 12.61 -37.05 -11.59
N SER D 228 12.24 -36.04 -12.36
CA SER D 228 10.99 -36.02 -13.09
C SER D 228 11.35 -35.88 -14.55
N PRO D 229 10.61 -36.56 -15.44
CA PRO D 229 10.96 -36.34 -16.83
C PRO D 229 10.39 -34.99 -17.27
N ILE D 230 11.00 -34.38 -18.29
CA ILE D 230 10.54 -33.07 -18.77
C ILE D 230 10.00 -33.17 -20.18
N GLN D 231 8.77 -32.67 -20.38
CA GLN D 231 8.15 -32.80 -21.69
C GLN D 231 8.57 -31.67 -22.65
N LEU D 232 9.04 -32.07 -23.83
CA LEU D 232 9.37 -31.17 -24.91
C LEU D 232 8.55 -31.58 -26.12
N GLN D 233 8.88 -31.01 -27.28
CA GLN D 233 8.26 -31.38 -28.54
C GLN D 233 9.28 -31.57 -29.64
N ARG D 234 8.97 -32.46 -30.59
CA ARG D 234 9.80 -32.58 -31.79
C ARG D 234 9.33 -31.56 -32.82
N ARG D 235 10.02 -31.50 -33.97
CA ARG D 235 9.63 -30.57 -35.03
C ARG D 235 8.19 -30.73 -35.47
N ASN D 236 7.75 -31.97 -35.62
CA ASN D 236 6.39 -32.25 -36.07
C ASN D 236 5.35 -32.02 -34.99
N GLY D 237 5.76 -31.42 -33.89
CA GLY D 237 4.87 -31.07 -32.81
C GLY D 237 4.59 -32.23 -31.86
N SER D 238 5.11 -33.41 -32.20
CA SER D 238 4.91 -34.59 -31.37
C SER D 238 5.53 -34.34 -30.00
N LYS D 239 4.91 -34.89 -28.95
CA LYS D 239 5.45 -34.69 -27.62
C LYS D 239 6.37 -35.84 -27.20
N PHE D 240 7.52 -35.49 -26.65
CA PHE D 240 8.41 -36.53 -26.19
C PHE D 240 9.13 -36.14 -24.90
N SER D 241 9.31 -37.12 -24.03
CA SER D 241 9.89 -36.88 -22.73
C SER D 241 11.41 -37.01 -22.74
N VAL D 242 12.06 -36.20 -21.91
CA VAL D 242 13.49 -36.29 -21.66
C VAL D 242 13.72 -36.84 -20.26
N TYR D 243 14.57 -37.85 -20.10
CA TYR D 243 14.80 -38.46 -18.77
C TYR D 243 16.19 -38.20 -18.26
N ASP D 244 17.09 -37.77 -19.14
CA ASP D 244 18.50 -37.76 -18.81
C ASP D 244 19.23 -36.60 -19.45
N VAL D 245 20.41 -36.27 -18.93
CA VAL D 245 21.17 -35.14 -19.44
C VAL D 245 21.97 -35.51 -20.71
N SER D 246 22.04 -36.79 -21.06
CA SER D 246 22.85 -37.19 -22.23
C SER D 246 22.26 -36.68 -23.58
N ILE D 247 20.95 -36.76 -23.76
CA ILE D 247 20.37 -36.30 -25.00
C ILE D 247 20.51 -34.76 -25.07
N LEU D 248 20.82 -34.12 -23.95
CA LEU D 248 20.83 -32.66 -23.92
C LEU D 248 22.23 -32.04 -24.05
N ILE D 249 23.27 -32.84 -23.90
CA ILE D 249 24.64 -32.32 -24.00
C ILE D 249 24.89 -31.62 -25.33
N PRO D 250 24.30 -32.12 -26.43
CA PRO D 250 24.46 -31.33 -27.66
C PRO D 250 23.35 -30.31 -27.93
N ILE D 251 22.44 -30.08 -26.98
CA ILE D 251 21.32 -29.18 -27.21
C ILE D 251 21.36 -27.92 -26.36
N ILE D 252 21.53 -28.08 -25.04
CA ILE D 252 21.68 -26.94 -24.13
C ILE D 252 23.15 -26.61 -24.05
N ALA D 253 23.47 -25.33 -24.17
CA ALA D 253 24.87 -24.91 -24.16
C ALA D 253 25.21 -24.09 -22.90
N LEU D 254 24.16 -23.62 -22.23
CA LEU D 254 24.24 -22.81 -21.02
C LEU D 254 23.03 -23.10 -20.12
N MET D 255 23.27 -23.15 -18.80
CA MET D 255 22.19 -23.29 -17.81
C MET D 255 22.14 -22.08 -16.89
N VAL D 256 20.94 -21.75 -16.40
CA VAL D 256 20.82 -20.70 -15.41
C VAL D 256 21.14 -21.37 -14.05
N TYR D 257 21.79 -20.63 -13.14
CA TYR D 257 22.22 -21.21 -11.85
C TYR D 257 21.02 -21.58 -10.98
N ARG D 258 20.98 -22.82 -10.51
CA ARG D 258 19.86 -23.23 -9.67
C ARG D 258 20.27 -23.73 -8.28
N CYS D 259 21.45 -24.33 -8.18
CA CYS D 259 21.92 -24.91 -6.95
C CYS D 259 23.43 -24.99 -6.98
N ALA D 260 24.03 -25.08 -5.80
CA ALA D 260 25.47 -25.15 -5.69
C ALA D 260 25.98 -26.48 -6.24
N PRO D 261 27.22 -26.49 -6.78
CA PRO D 261 27.72 -27.77 -7.29
C PRO D 261 27.82 -28.81 -6.17
N PRO D 262 27.27 -30.01 -6.40
CA PRO D 262 27.33 -31.06 -5.37
C PRO D 262 28.68 -31.77 -5.34
N PRO D 263 29.00 -32.47 -4.21
CA PRO D 263 30.19 -33.32 -4.03
C PRO D 263 30.41 -34.34 -5.16
N ASP E 21 30.13 11.03 -13.00
CA ASP E 21 28.77 11.13 -12.49
C ASP E 21 28.04 12.40 -12.98
N ILE E 22 26.72 12.44 -12.82
CA ILE E 22 25.92 13.61 -13.24
C ILE E 22 25.77 14.65 -12.12
N VAL E 23 26.18 15.89 -12.40
CA VAL E 23 26.10 16.95 -11.40
C VAL E 23 24.88 17.87 -11.62
N LEU E 24 24.00 17.91 -10.61
CA LEU E 24 22.76 18.67 -10.70
C LEU E 24 22.87 19.98 -9.93
N THR E 25 23.08 21.08 -10.66
CA THR E 25 23.18 22.44 -10.09
C THR E 25 21.81 23.15 -10.06
N GLN E 26 21.52 23.87 -8.98
CA GLN E 26 20.25 24.60 -8.87
C GLN E 26 20.43 26.12 -8.96
N SER E 27 19.42 26.81 -9.49
CA SER E 27 19.46 28.26 -9.59
C SER E 27 18.12 28.86 -9.14
N PRO E 28 18.18 29.81 -8.19
CA PRO E 28 19.42 30.28 -7.57
C PRO E 28 19.70 29.59 -6.24
N ALA E 29 20.82 29.89 -5.61
CA ALA E 29 21.13 29.30 -4.31
C ALA E 29 20.17 29.86 -3.27
N SER E 30 19.96 31.18 -3.31
CA SER E 30 19.01 31.85 -2.44
C SER E 30 17.96 32.62 -3.28
N LEU E 31 16.70 32.53 -2.89
CA LEU E 31 15.61 33.23 -3.56
C LEU E 31 14.52 33.67 -2.60
N ALA E 32 14.32 34.98 -2.49
CA ALA E 32 13.20 35.52 -1.72
C ALA E 32 12.05 35.93 -2.63
N VAL E 33 10.82 35.67 -2.16
CA VAL E 33 9.61 36.03 -2.88
C VAL E 33 8.42 36.02 -1.91
N SER E 34 7.86 37.20 -1.70
CA SER E 34 6.78 37.37 -0.72
C SER E 34 5.52 36.60 -1.11
N LEU E 35 4.58 36.52 -0.17
CA LEU E 35 3.36 35.74 -0.36
C LEU E 35 2.53 36.25 -1.55
N GLY E 36 2.36 35.39 -2.56
CA GLY E 36 1.61 35.76 -3.75
C GLY E 36 2.39 35.64 -5.05
N GLN E 37 3.67 36.02 -5.01
CA GLN E 37 4.56 35.89 -6.16
C GLN E 37 4.73 34.42 -6.59
N ARG E 38 4.49 34.12 -7.86
CA ARG E 38 4.73 32.77 -8.37
C ARG E 38 6.23 32.47 -8.36
N ALA E 39 6.60 31.33 -7.78
CA ALA E 39 8.00 30.95 -7.57
C ALA E 39 8.47 29.95 -8.63
N THR E 40 9.69 30.14 -9.13
CA THR E 40 10.26 29.25 -10.13
C THR E 40 11.76 28.97 -9.88
N ILE E 41 12.05 27.72 -9.51
CA ILE E 41 13.42 27.23 -9.32
C ILE E 41 13.81 26.35 -10.50
N SER E 42 15.08 26.38 -10.89
CA SER E 42 15.53 25.57 -12.03
C SER E 42 16.81 24.78 -11.73
N TYR E 43 16.82 23.52 -12.16
CA TYR E 43 18.01 22.67 -12.04
C TYR E 43 18.71 22.57 -13.40
N ARG E 44 20.02 22.81 -13.42
CA ARG E 44 20.81 22.54 -14.62
C ARG E 44 21.62 21.27 -14.37
N ALA E 45 21.69 20.40 -15.37
CA ALA E 45 22.42 19.15 -15.22
C ALA E 45 23.61 19.08 -16.19
N SER E 46 24.65 18.34 -15.79
CA SER E 46 25.87 18.25 -16.59
C SER E 46 25.68 17.32 -17.79
N LYS E 47 24.77 16.36 -17.65
CA LYS E 47 24.32 15.54 -18.77
C LYS E 47 22.82 15.37 -18.61
N SER E 48 22.17 14.76 -19.59
CA SER E 48 20.71 14.80 -19.60
C SER E 48 20.10 13.83 -18.62
N VAL E 49 18.89 14.18 -18.18
CA VAL E 49 18.14 13.40 -17.22
C VAL E 49 16.74 13.23 -17.78
N SER E 50 16.12 12.09 -17.51
CA SER E 50 14.82 11.79 -18.10
C SER E 50 13.71 11.66 -17.05
N TYR E 51 14.07 11.68 -15.78
CA TYR E 51 13.07 11.64 -14.73
C TYR E 51 13.58 12.32 -13.47
N MET E 52 13.18 13.58 -13.28
CA MET E 52 13.69 14.41 -12.19
C MET E 52 12.84 14.28 -10.92
N HIS E 53 13.50 14.10 -9.79
CA HIS E 53 12.83 14.06 -8.49
C HIS E 53 13.04 15.39 -7.77
N TRP E 54 12.07 15.80 -6.95
CA TRP E 54 12.18 17.02 -6.14
C TRP E 54 11.86 16.77 -4.67
N ASN E 55 12.87 16.86 -3.81
CA ASN E 55 12.65 16.74 -2.36
C ASN E 55 12.53 18.13 -1.72
N GLN E 56 11.66 18.27 -0.71
CA GLN E 56 11.60 19.48 0.11
C GLN E 56 12.04 19.20 1.54
N GLN E 57 12.80 20.11 2.13
CA GLN E 57 13.25 19.95 3.52
C GLN E 57 13.10 21.23 4.35
N LYS E 58 12.55 21.09 5.55
CA LYS E 58 12.50 22.18 6.52
C LYS E 58 13.47 21.89 7.67
N PRO E 59 14.10 22.95 8.23
CA PRO E 59 15.14 22.82 9.26
C PRO E 59 14.72 21.90 10.41
N GLY E 60 15.64 21.02 10.81
CA GLY E 60 15.35 20.06 11.86
C GLY E 60 14.60 18.84 11.34
N GLN E 61 13.81 19.05 10.28
CA GLN E 61 13.03 17.97 9.68
C GLN E 61 13.85 17.28 8.58
N PRO E 62 13.48 16.02 8.24
CA PRO E 62 14.08 15.35 7.09
C PRO E 62 13.49 15.86 5.79
N PRO E 63 14.11 15.53 4.64
CA PRO E 63 13.47 15.84 3.36
C PRO E 63 12.31 14.89 3.06
N ARG E 64 11.23 15.41 2.48
CA ARG E 64 10.17 14.53 1.95
C ARG E 64 10.19 14.64 0.43
N LEU E 65 9.89 13.55 -0.27
CA LEU E 65 9.71 13.65 -1.72
C LEU E 65 8.49 14.53 -1.98
N LEU E 66 8.72 15.69 -2.58
CA LEU E 66 7.60 16.53 -2.98
C LEU E 66 7.18 16.23 -4.42
N ILE E 67 8.14 15.86 -5.28
CA ILE E 67 7.83 15.55 -6.69
C ILE E 67 8.63 14.37 -7.28
N TYR E 68 7.92 13.40 -7.89
CA TYR E 68 8.58 12.36 -8.67
C TYR E 68 8.22 12.45 -10.16
N LEU E 69 8.85 11.60 -10.98
CA LEU E 69 8.63 11.54 -12.44
C LEU E 69 8.48 12.92 -13.11
N GLY E 70 9.41 13.82 -12.78
CA GLY E 70 9.48 15.17 -13.35
C GLY E 70 8.33 16.12 -12.95
N SER E 71 7.10 15.66 -13.12
CA SER E 71 5.92 16.52 -12.91
C SER E 71 4.80 15.89 -12.09
N ASN E 72 4.92 14.60 -11.75
CA ASN E 72 3.90 13.93 -10.95
C ASN E 72 4.03 14.29 -9.46
N LEU E 73 2.91 14.59 -8.82
CA LEU E 73 2.93 15.18 -7.48
C LEU E 73 2.80 14.14 -6.38
N GLU E 74 3.42 14.41 -5.23
CA GLU E 74 3.41 13.48 -4.10
C GLU E 74 2.20 13.75 -3.20
N SER E 75 1.94 12.80 -2.30
CA SER E 75 0.81 12.85 -1.38
C SER E 75 0.75 14.16 -0.57
N GLY E 76 -0.46 14.67 -0.33
CA GLY E 76 -0.63 15.85 0.50
C GLY E 76 -0.02 17.13 -0.04
N VAL E 77 0.84 17.00 -1.05
CA VAL E 77 1.41 18.16 -1.72
C VAL E 77 0.34 18.89 -2.53
N GLY E 78 0.09 20.15 -2.16
CA GLY E 78 -0.99 21.00 -2.68
C GLY E 78 -0.89 21.29 -4.17
N ALA E 79 -2.02 21.21 -4.87
CA ALA E 79 -2.09 21.59 -6.28
C ALA E 79 -1.91 23.09 -6.44
N ARG E 80 -0.68 23.49 -6.70
CA ARG E 80 -0.27 24.87 -6.89
C ARG E 80 1.20 24.71 -7.20
N PHE E 81 1.70 23.53 -6.80
CA PHE E 81 3.05 23.09 -7.08
C PHE E 81 3.13 22.44 -8.44
N SER E 82 4.20 22.73 -9.16
CA SER E 82 4.38 22.17 -10.48
C SER E 82 5.84 21.83 -10.66
N GLY E 83 6.11 20.92 -11.58
CA GLY E 83 7.46 20.65 -12.00
C GLY E 83 7.41 20.32 -13.47
N SER E 84 8.53 20.52 -14.16
CA SER E 84 8.62 20.20 -15.58
C SER E 84 10.06 20.30 -16.06
N GLY E 85 10.27 20.13 -17.37
CA GLY E 85 11.59 20.25 -17.94
C GLY E 85 11.98 19.09 -18.83
N SER E 86 13.11 19.24 -19.48
CA SER E 86 13.62 18.22 -20.38
C SER E 86 15.13 18.28 -20.35
N GLY E 87 15.78 17.21 -20.78
CA GLY E 87 17.23 17.19 -20.93
C GLY E 87 17.98 17.74 -19.75
N THR E 88 18.88 18.69 -20.03
CA THR E 88 19.78 19.22 -19.01
C THR E 88 19.18 20.31 -18.10
N ASP E 89 17.89 20.63 -18.26
CA ASP E 89 17.26 21.67 -17.44
C ASP E 89 15.83 21.32 -17.00
N PHE E 90 15.66 21.04 -15.70
CA PHE E 90 14.34 20.76 -15.13
C PHE E 90 13.97 21.81 -14.07
N THR E 91 12.67 22.04 -13.86
CA THR E 91 12.22 23.19 -13.07
C THR E 91 11.08 22.88 -12.10
N LEU E 92 11.01 23.71 -11.05
CA LEU E 92 9.97 23.65 -10.02
C LEU E 92 9.25 24.99 -9.95
N ASN E 93 7.92 24.94 -10.00
CA ASN E 93 7.12 26.16 -10.07
C ASN E 93 5.88 26.11 -9.17
N ILE E 94 5.62 27.21 -8.46
CA ILE E 94 4.41 27.37 -7.65
C ILE E 94 3.61 28.56 -8.18
N HIS E 95 2.27 28.47 -8.19
CA HIS E 95 1.47 29.56 -8.74
C HIS E 95 1.21 30.68 -7.70
N PRO E 96 0.55 30.37 -6.55
CA PRO E 96 0.71 31.40 -5.53
C PRO E 96 1.52 30.90 -4.33
N VAL E 97 2.70 31.50 -4.12
CA VAL E 97 3.55 31.16 -2.99
C VAL E 97 2.86 31.51 -1.67
N GLU E 98 2.42 30.49 -0.95
CA GLU E 98 1.94 30.68 0.41
C GLU E 98 3.15 30.70 1.35
N GLU E 99 2.90 30.81 2.65
CA GLU E 99 3.96 30.84 3.65
C GLU E 99 4.40 29.42 4.06
N GLU E 100 3.52 28.45 3.82
CA GLU E 100 3.86 27.04 4.01
C GLU E 100 5.09 26.63 3.19
N ASP E 101 5.28 27.34 2.08
CA ASP E 101 6.23 26.97 1.03
C ASP E 101 7.58 27.68 1.09
N ALA E 102 7.98 28.11 2.29
CA ALA E 102 9.31 28.69 2.45
C ALA E 102 10.20 27.64 3.07
N ALA E 103 11.14 27.12 2.29
CA ALA E 103 11.99 26.03 2.74
C ALA E 103 13.16 25.83 1.77
N THR E 104 13.78 24.66 1.85
CA THR E 104 14.82 24.28 0.89
C THR E 104 14.39 23.07 0.07
N TYR E 105 14.45 23.22 -1.25
CA TYR E 105 14.09 22.15 -2.18
C TYR E 105 15.33 21.61 -2.88
N TYR E 106 15.44 20.29 -2.93
CA TYR E 106 16.54 19.66 -3.64
C TYR E 106 16.01 18.91 -4.86
N CYS E 107 16.82 18.87 -5.91
CA CYS E 107 16.48 18.05 -7.06
C CYS E 107 17.33 16.79 -7.01
N GLN E 108 16.73 15.66 -7.36
CA GLN E 108 17.46 14.39 -7.36
C GLN E 108 17.13 13.55 -8.58
N HIS E 109 18.11 12.73 -8.97
CA HIS E 109 17.93 11.66 -9.95
C HIS E 109 18.61 10.38 -9.45
N LYS E 110 18.13 9.22 -9.90
CA LYS E 110 18.68 7.93 -9.50
C LYS E 110 18.76 6.97 -10.70
N ARG E 111 18.49 7.48 -11.90
CA ARG E 111 18.34 6.61 -13.06
C ARG E 111 19.65 6.36 -13.80
N GLU E 112 20.60 7.29 -13.73
CA GLU E 112 21.96 7.01 -14.20
C GLU E 112 22.91 6.93 -12.99
N TYR E 113 23.51 5.77 -12.74
CA TYR E 113 24.34 5.62 -11.54
C TYR E 113 25.55 6.57 -11.58
N PRO E 114 25.84 7.24 -10.45
CA PRO E 114 25.17 7.13 -9.15
C PRO E 114 24.21 8.27 -8.84
N PRO E 115 23.26 8.04 -7.92
CA PRO E 115 22.30 9.08 -7.55
C PRO E 115 22.95 10.35 -7.00
N THR E 116 22.55 11.50 -7.55
CA THR E 116 23.03 12.79 -7.07
C THR E 116 21.90 13.67 -6.62
N PHE E 117 22.25 14.66 -5.83
CA PHE E 117 21.26 15.62 -5.37
C PHE E 117 21.55 16.98 -5.98
N GLY E 118 20.60 17.89 -5.86
CA GLY E 118 20.78 19.22 -6.40
C GLY E 118 21.59 20.12 -5.49
N GLN E 119 22.00 21.26 -6.02
CA GLN E 119 22.84 22.22 -5.29
C GLN E 119 22.12 22.76 -4.06
N GLY E 120 20.79 22.74 -4.10
CA GLY E 120 20.01 23.34 -3.04
C GLY E 120 19.48 24.72 -3.41
N THR E 121 18.27 25.01 -2.97
CA THR E 121 17.68 26.33 -3.16
C THR E 121 16.81 26.68 -1.97
N LYS E 122 17.26 27.64 -1.17
CA LYS E 122 16.55 28.04 0.03
C LYS E 122 15.66 29.25 -0.25
N VAL E 123 14.35 29.04 -0.18
CA VAL E 123 13.39 30.10 -0.50
C VAL E 123 12.84 30.74 0.78
N GLU E 124 12.80 32.07 0.78
CA GLU E 124 12.40 32.85 1.96
C GLU E 124 11.36 33.92 1.62
N ILE E 125 10.69 34.44 2.64
CA ILE E 125 9.65 35.46 2.45
C ILE E 125 10.23 36.88 2.45
N LYS E 126 10.01 37.61 1.34
CA LYS E 126 10.52 38.98 1.21
C LYS E 126 9.62 39.97 1.94
N ARG E 127 10.25 40.93 2.63
CA ARG E 127 9.55 41.95 3.42
C ARG E 127 10.25 43.31 3.39
N THR E 128 10.05 44.10 4.45
CA THR E 128 10.70 45.40 4.60
C THR E 128 12.17 45.25 4.97
N VAL E 129 13.05 45.71 4.09
CA VAL E 129 14.50 45.54 4.24
C VAL E 129 15.04 46.02 5.58
N GLN F 24 13.61 4.03 11.09
CA GLN F 24 13.85 4.11 12.53
C GLN F 24 15.33 4.08 12.87
N GLN F 25 15.90 5.25 13.13
CA GLN F 25 17.30 5.35 13.55
C GLN F 25 17.44 6.29 14.76
N PRO F 26 18.35 5.96 15.70
CA PRO F 26 18.66 6.82 16.85
C PRO F 26 18.92 8.26 16.44
N GLY F 27 18.61 9.22 17.31
CA GLY F 27 18.67 10.62 16.96
C GLY F 27 20.05 11.25 16.98
N SER F 28 20.79 11.00 18.08
CA SER F 28 22.12 11.57 18.24
C SER F 28 23.15 10.51 18.56
N GLU F 29 24.41 10.79 18.22
CA GLU F 29 25.53 9.91 18.52
C GLU F 29 26.82 10.70 18.82
N LEU F 30 27.61 10.20 19.77
CA LEU F 30 28.90 10.82 20.07
C LEU F 30 30.05 9.88 19.76
N VAL F 31 31.07 10.42 19.11
CA VAL F 31 32.28 9.68 18.75
C VAL F 31 33.49 10.63 18.69
N ARG F 32 34.52 10.30 19.46
CA ARG F 32 35.76 11.08 19.50
C ARG F 32 36.58 10.82 18.23
N PRO F 33 37.45 11.77 17.83
CA PRO F 33 38.25 11.65 16.60
C PRO F 33 39.06 10.34 16.50
N GLY F 34 39.12 9.74 15.32
CA GLY F 34 39.87 8.52 15.13
C GLY F 34 39.17 7.26 15.61
N ALA F 35 37.98 7.43 16.19
CA ALA F 35 37.14 6.30 16.57
C ALA F 35 36.15 5.97 15.45
N SER F 36 35.64 4.75 15.44
CA SER F 36 34.67 4.34 14.43
C SER F 36 33.28 4.16 15.04
N VAL F 37 32.26 4.51 14.26
CA VAL F 37 30.87 4.42 14.70
C VAL F 37 30.04 3.57 13.73
N LYS F 38 29.14 2.74 14.28
CA LYS F 38 28.26 1.89 13.49
C LYS F 38 26.83 2.34 13.70
N LEU F 39 26.28 3.09 12.74
CA LEU F 39 24.94 3.66 12.85
C LEU F 39 23.89 2.64 12.42
N SER F 40 22.70 2.72 12.99
CA SER F 40 21.68 1.71 12.72
C SER F 40 20.45 2.30 12.04
N CYS F 41 19.71 1.40 11.39
CA CYS F 41 18.50 1.74 10.64
C CYS F 41 17.66 0.47 10.52
N LYS F 42 16.64 0.36 11.38
CA LYS F 42 15.79 -0.82 11.46
C LYS F 42 14.51 -0.60 10.65
N ALA F 43 14.22 -1.54 9.76
CA ALA F 43 13.14 -1.36 8.78
C ALA F 43 11.99 -2.33 9.00
N SER F 44 10.78 -1.80 9.01
CA SER F 44 9.60 -2.61 9.19
C SER F 44 8.46 -2.07 8.35
N GLY F 45 7.42 -2.89 8.18
CA GLY F 45 6.24 -2.45 7.44
C GLY F 45 6.26 -2.81 5.97
N TYR F 46 7.30 -3.53 5.54
CA TYR F 46 7.44 -3.92 4.15
C TYR F 46 8.33 -5.17 4.02
N THR F 47 8.44 -5.68 2.80
CA THR F 47 9.30 -6.85 2.55
C THR F 47 10.77 -6.43 2.55
N PHE F 48 11.45 -6.64 3.67
CA PHE F 48 12.80 -6.13 3.87
C PHE F 48 13.73 -6.48 2.69
N THR F 49 13.58 -7.70 2.19
CA THR F 49 14.43 -8.20 1.11
C THR F 49 13.97 -7.78 -0.29
N SER F 50 13.07 -6.81 -0.37
CA SER F 50 12.53 -6.41 -1.67
C SER F 50 13.02 -5.03 -2.13
N TYR F 51 13.48 -4.18 -1.21
CA TYR F 51 13.85 -2.80 -1.54
C TYR F 51 15.27 -2.39 -1.13
N TRP F 52 15.72 -1.28 -1.71
CA TRP F 52 17.04 -0.73 -1.46
C TRP F 52 16.97 0.24 -0.31
N ILE F 53 18.01 0.21 0.54
CA ILE F 53 18.14 1.14 1.64
C ILE F 53 19.38 1.98 1.38
N ASN F 54 19.17 3.28 1.29
CA ASN F 54 20.20 4.22 0.88
C ASN F 54 20.72 4.98 2.07
N TRP F 55 21.89 5.60 1.94
CA TRP F 55 22.40 6.45 3.02
C TRP F 55 22.73 7.82 2.46
N VAL F 56 22.22 8.86 3.12
CA VAL F 56 22.52 10.25 2.78
C VAL F 56 23.10 10.99 3.98
N LYS F 57 24.16 11.77 3.75
CA LYS F 57 24.82 12.54 4.78
C LYS F 57 24.55 14.04 4.59
N GLN F 58 24.23 14.74 5.67
CA GLN F 58 24.04 16.19 5.60
C GLN F 58 24.88 16.95 6.62
N ARG F 59 25.91 17.64 6.14
CA ARG F 59 26.71 18.54 6.97
C ARG F 59 25.89 19.77 7.31
N PRO F 60 25.98 20.23 8.57
CA PRO F 60 25.19 21.34 9.12
C PRO F 60 25.05 22.54 8.17
N GLY F 61 23.82 22.83 7.77
CA GLY F 61 23.55 23.94 6.86
C GLY F 61 24.23 23.80 5.51
N GLN F 62 24.40 22.57 5.04
CA GLN F 62 24.98 22.31 3.72
C GLN F 62 24.08 21.40 2.87
N GLY F 63 24.57 21.05 1.68
CA GLY F 63 23.81 20.25 0.74
C GLY F 63 23.52 18.83 1.19
N LEU F 64 23.24 17.96 0.22
CA LEU F 64 22.81 16.59 0.49
C LEU F 64 23.70 15.56 -0.21
N GLU F 65 24.44 14.77 0.56
CA GLU F 65 25.42 13.86 -0.05
C GLU F 65 24.97 12.41 -0.04
N TRP F 66 24.80 11.84 -1.23
CA TRP F 66 24.51 10.43 -1.35
C TRP F 66 25.80 9.65 -1.08
N ILE F 67 25.72 8.69 -0.16
CA ILE F 67 26.89 7.93 0.26
C ILE F 67 26.93 6.57 -0.42
N GLY F 68 25.80 5.87 -0.42
CA GLY F 68 25.74 4.52 -0.97
C GLY F 68 24.46 3.82 -0.62
N ASN F 69 24.33 2.54 -0.99
CA ASN F 69 23.16 1.77 -0.57
C ASN F 69 23.41 0.27 -0.49
N ILE F 70 22.43 -0.47 0.02
CA ILE F 70 22.55 -1.92 0.08
C ILE F 70 21.21 -2.58 -0.22
N TYR F 71 21.25 -3.75 -0.87
CA TYR F 71 20.04 -4.51 -1.15
C TYR F 71 20.04 -5.77 -0.32
N PRO F 72 19.30 -5.76 0.80
CA PRO F 72 19.24 -6.90 1.72
C PRO F 72 18.98 -8.24 1.01
N GLY F 73 18.05 -8.25 0.05
CA GLY F 73 17.71 -9.45 -0.67
C GLY F 73 18.88 -10.14 -1.36
N SER F 74 19.88 -9.37 -1.77
CA SER F 74 21.01 -9.95 -2.49
C SER F 74 22.32 -9.68 -1.76
N GLY F 75 22.37 -8.55 -1.06
CA GLY F 75 23.57 -8.15 -0.35
C GLY F 75 24.47 -7.27 -1.19
N ARG F 76 24.08 -7.05 -2.45
CA ARG F 76 24.83 -6.14 -3.29
C ARG F 76 24.85 -4.72 -2.71
N THR F 77 25.92 -4.00 -3.01
CA THR F 77 26.15 -2.69 -2.42
C THR F 77 26.70 -1.70 -3.45
N ASN F 78 26.41 -0.42 -3.26
CA ASN F 78 27.06 0.63 -4.02
C ASN F 78 27.59 1.70 -3.06
N TYR F 79 28.84 2.10 -3.26
CA TYR F 79 29.45 3.19 -2.50
C TYR F 79 29.86 4.33 -3.44
N ASP F 80 29.41 5.54 -3.15
CA ASP F 80 29.87 6.73 -3.87
C ASP F 80 31.38 6.86 -3.68
N GLU F 81 32.07 7.33 -4.72
CA GLU F 81 33.53 7.33 -4.71
C GLU F 81 34.09 8.20 -3.61
N LYS F 82 33.30 9.18 -3.15
CA LYS F 82 33.70 10.04 -2.06
C LYS F 82 33.71 9.29 -0.72
N PHE F 83 33.24 8.05 -0.74
CA PHE F 83 33.13 7.26 0.49
C PHE F 83 33.59 5.81 0.33
N LYS F 84 34.13 5.50 -0.86
CA LYS F 84 34.46 4.12 -1.24
C LYS F 84 35.40 3.44 -0.24
N ASN F 85 36.16 4.23 0.50
CA ASN F 85 37.09 3.68 1.47
C ASN F 85 36.64 3.85 2.92
N LYS F 86 35.83 4.88 3.17
CA LYS F 86 35.53 5.29 4.54
C LYS F 86 34.17 4.83 5.09
N ALA F 87 33.47 3.99 4.33
CA ALA F 87 32.17 3.48 4.77
C ALA F 87 31.95 2.02 4.36
N THR F 88 31.15 1.30 5.14
CA THR F 88 30.86 -0.11 4.90
C THR F 88 29.40 -0.40 5.23
N LEU F 89 28.57 -0.59 4.21
CA LEU F 89 27.18 -0.98 4.45
C LEU F 89 27.10 -2.47 4.70
N THR F 90 26.41 -2.85 5.77
CA THR F 90 26.20 -4.24 6.11
C THR F 90 24.75 -4.38 6.54
N VAL F 91 24.18 -5.56 6.33
CA VAL F 91 22.78 -5.78 6.68
C VAL F 91 22.60 -7.06 7.49
N ASP F 92 21.75 -6.98 8.52
CA ASP F 92 21.31 -8.15 9.24
C ASP F 92 19.84 -8.39 8.93
N THR F 93 19.57 -9.44 8.14
CA THR F 93 18.22 -9.78 7.72
C THR F 93 17.33 -10.09 8.94
N SER F 94 17.85 -10.90 9.85
CA SER F 94 17.18 -11.31 11.07
C SER F 94 16.54 -10.18 11.87
N SER F 95 17.35 -9.29 12.44
CA SER F 95 16.82 -8.08 13.08
C SER F 95 16.20 -7.08 12.07
N SER F 96 16.30 -7.39 10.78
CA SER F 96 15.91 -6.46 9.72
C SER F 96 16.54 -5.08 9.90
N THR F 97 17.87 -5.02 9.87
CA THR F 97 18.59 -3.76 10.12
C THR F 97 19.73 -3.52 9.10
N VAL F 98 19.92 -2.25 8.73
CA VAL F 98 21.04 -1.86 7.87
C VAL F 98 22.02 -1.01 8.67
N TYR F 99 23.31 -1.26 8.50
CA TYR F 99 24.32 -0.51 9.24
C TYR F 99 25.30 0.21 8.31
N ILE F 100 25.65 1.44 8.65
CA ILE F 100 26.74 2.14 7.98
C ILE F 100 27.89 2.42 8.95
N GLN F 101 28.87 1.52 9.02
CA GLN F 101 30.03 1.75 9.88
C GLN F 101 30.95 2.78 9.24
N VAL F 102 31.10 3.93 9.90
CA VAL F 102 32.06 4.95 9.46
C VAL F 102 33.39 4.73 10.17
N SER F 103 34.46 5.30 9.62
CA SER F 103 35.80 5.03 10.16
C SER F 103 36.64 6.29 10.26
N SER F 104 37.30 6.46 11.41
CA SER F 104 38.24 7.55 11.61
C SER F 104 37.60 8.91 11.38
N LEU F 105 36.71 9.29 12.27
CA LEU F 105 35.99 10.56 12.12
C LEU F 105 36.88 11.76 12.32
N THR F 106 36.52 12.85 11.66
CA THR F 106 37.35 14.03 11.61
C THR F 106 36.48 15.27 11.72
N SER F 107 37.01 16.41 11.29
CA SER F 107 36.24 17.66 11.31
C SER F 107 35.16 17.63 10.23
N GLU F 108 35.50 17.14 9.05
CA GLU F 108 34.57 17.11 7.93
C GLU F 108 33.54 15.97 8.03
N ASP F 109 33.82 14.97 8.87
CA ASP F 109 32.95 13.81 8.99
C ASP F 109 31.71 14.07 9.87
N ALA F 110 31.68 15.21 10.54
CA ALA F 110 30.59 15.51 11.48
C ALA F 110 29.34 15.98 10.76
N ALA F 111 28.24 15.24 10.92
CA ALA F 111 26.98 15.54 10.22
C ALA F 111 25.79 14.70 10.68
N VAL F 112 24.69 14.79 9.93
CA VAL F 112 23.52 13.92 10.08
C VAL F 112 23.55 12.83 8.99
N PHE F 113 23.16 11.61 9.35
CA PHE F 113 23.19 10.48 8.41
C PHE F 113 21.81 9.80 8.28
N TYR F 114 21.12 10.06 7.18
CA TYR F 114 19.78 9.52 6.90
C TYR F 114 19.85 8.14 6.27
N CYS F 115 18.87 7.29 6.56
CA CYS F 115 18.68 6.06 5.80
C CYS F 115 17.31 6.16 5.12
N VAL F 116 17.30 5.84 3.83
CA VAL F 116 16.13 6.07 2.97
C VAL F 116 15.72 4.83 2.18
N ARG F 117 14.43 4.53 2.13
CA ARG F 117 13.93 3.56 1.17
C ARG F 117 13.29 4.33 0.05
N TRP F 118 13.96 4.38 -1.11
CA TRP F 118 13.29 4.84 -2.32
C TRP F 118 13.28 3.72 -3.36
N VAL F 119 12.42 3.87 -4.35
CA VAL F 119 12.23 2.83 -5.35
C VAL F 119 12.83 3.28 -6.67
N TYR F 120 13.34 2.33 -7.43
CA TYR F 120 13.88 2.62 -8.76
C TYR F 120 12.82 2.40 -9.83
N GLY F 121 12.50 3.46 -10.58
CA GLY F 121 11.74 3.34 -11.82
C GLY F 121 10.23 3.46 -11.83
N ASN F 122 9.64 2.79 -12.83
CA ASN F 122 8.23 2.92 -13.23
C ASN F 122 7.15 2.75 -12.16
N PHE F 123 7.29 3.49 -11.05
CA PHE F 123 6.26 3.57 -10.00
C PHE F 123 5.75 2.22 -9.51
N ASP F 124 6.42 1.65 -8.51
CA ASP F 124 5.97 0.40 -7.88
C ASP F 124 5.20 0.69 -6.59
N SER F 125 5.53 1.82 -5.96
CA SER F 125 4.89 2.27 -4.72
C SER F 125 5.10 3.78 -4.56
N ALA F 126 4.94 4.29 -3.33
CA ALA F 126 4.89 5.74 -3.10
C ALA F 126 6.18 6.51 -3.49
N LEU F 127 7.37 6.19 -2.95
CA LEU F 127 7.62 5.24 -1.87
C LEU F 127 8.76 5.80 -1.05
N ASP F 128 9.24 6.97 -1.48
CA ASP F 128 10.36 7.65 -0.85
C ASP F 128 10.00 8.11 0.56
N TYR F 129 10.30 7.24 1.54
CA TYR F 129 10.08 7.49 2.97
C TYR F 129 11.40 7.37 3.75
N TRP F 130 11.73 8.40 4.52
CA TRP F 130 13.06 8.51 5.16
C TRP F 130 13.08 8.06 6.62
N GLY F 131 14.19 8.37 7.30
CA GLY F 131 14.30 8.17 8.74
C GLY F 131 14.59 9.50 9.41
N GLN F 132 14.50 9.55 10.74
CA GLN F 132 14.77 10.77 11.49
C GLN F 132 16.18 11.32 11.25
N GLY F 133 17.10 10.42 10.89
CA GLY F 133 18.51 10.78 10.77
C GLY F 133 19.23 10.51 12.07
N THR F 134 20.56 10.64 12.03
CA THR F 134 21.38 10.56 13.23
C THR F 134 22.43 11.67 13.20
N SER F 135 22.32 12.63 14.12
CA SER F 135 23.30 13.71 14.23
C SER F 135 24.58 13.19 14.88
N VAL F 136 25.67 13.29 14.12
CA VAL F 136 26.98 12.80 14.56
C VAL F 136 27.91 13.96 14.92
N THR F 137 28.48 13.87 16.11
CA THR F 137 29.35 14.91 16.64
C THR F 137 30.75 14.38 16.94
N VAL F 138 31.75 15.07 16.38
CA VAL F 138 33.16 14.73 16.54
C VAL F 138 33.84 15.65 17.56
N SER F 139 34.11 15.11 18.75
CA SER F 139 34.80 15.84 19.82
C SER F 139 35.31 14.90 20.91
N SER F 140 36.43 15.27 21.53
CA SER F 140 36.98 14.51 22.66
C SER F 140 36.33 14.96 23.97
N ALA F 141 35.47 15.97 23.89
CA ALA F 141 34.82 16.58 25.05
C ALA F 141 33.90 15.64 25.81
N SER F 142 33.32 16.15 26.89
CA SER F 142 32.52 15.34 27.83
C SER F 142 31.25 16.06 28.29
#